data_4AYU
#
_entry.id   4AYU
#
_cell.length_a   94.420
_cell.length_b   70.555
_cell.length_c   99.055
_cell.angle_alpha   90.00
_cell.angle_beta   96.90
_cell.angle_gamma   90.00
#
_symmetry.space_group_name_H-M   'P 1 21 1'
#
loop_
_entity.id
_entity.type
_entity.pdbx_description
1 polymer 'SERUM AMYLOID P-COMPONENT'
2 non-polymer 'CALCIUM ION'
3 non-polymer N-ACETYL-D-PROLINE
4 non-polymer 2-acetamido-2-deoxy-beta-D-glucopyranose
5 non-polymer GLYCEROL
6 water water
#
_entity_poly.entity_id   1
_entity_poly.type   'polypeptide(L)'
_entity_poly.pdbx_seq_one_letter_code
;HTDLSGKVFVFPRESVTDHVNLITPLEKPLQNFTLCFRAYSDLSRAYSLFSYNTQGRDNELLVYKERVGEYSLYIGRHKV
TSKVIEKFPAPVHICVSWESSSGIAEFWINGTPLVKKGLRQGYFVEAQPKIVLGQEQDSYGGKFDRSQSFVGEIGDLYMW
DSVLPPENILSAYQGTPLPANILDWQALNYEIRGYVIIKPLVWV
;
_entity_poly.pdbx_strand_id   A,B,C,D,E
#
loop_
_chem_comp.id
_chem_comp.type
_chem_comp.name
_chem_comp.formula
CA non-polymer 'CALCIUM ION' 'Ca 2'
GOL non-polymer GLYCEROL 'C3 H8 O3'
NAG D-saccharide, beta linking 2-acetamido-2-deoxy-beta-D-glucopyranose 'C8 H15 N O6'
#
# COMPACT_ATOMS: atom_id res chain seq x y z
N HIS A 1 43.80 9.38 16.71
CA HIS A 1 42.37 9.68 16.43
C HIS A 1 42.20 10.03 14.97
N THR A 2 41.13 9.53 14.37
CA THR A 2 40.90 9.65 12.93
C THR A 2 39.56 10.29 12.65
N ASP A 3 39.53 11.18 11.67
CA ASP A 3 38.29 11.83 11.27
C ASP A 3 37.63 11.03 10.15
N LEU A 4 36.56 10.32 10.47
CA LEU A 4 35.88 9.50 9.46
C LEU A 4 34.67 10.18 8.81
N SER A 5 34.56 11.51 8.98
CA SER A 5 33.56 12.33 8.30
C SER A 5 33.46 11.91 6.84
N GLY A 6 32.25 11.64 6.38
CA GLY A 6 32.01 11.29 5.00
C GLY A 6 32.44 9.88 4.61
N LYS A 7 32.76 9.04 5.59
CA LYS A 7 33.17 7.66 5.33
C LYS A 7 32.37 6.69 6.21
N VAL A 8 32.38 5.44 5.79
CA VAL A 8 31.70 4.34 6.51
C VAL A 8 32.64 3.16 6.65
N PHE A 9 32.38 2.33 7.66
CA PHE A 9 32.92 0.98 7.65
C PHE A 9 31.99 0.08 6.83
N VAL A 10 32.57 -0.71 5.92
CA VAL A 10 31.84 -1.70 5.16
C VAL A 10 32.24 -3.08 5.66
N PHE A 11 31.26 -3.82 6.18
CA PHE A 11 31.41 -5.21 6.55
C PHE A 11 30.81 -5.98 5.39
N PRO A 12 31.65 -6.38 4.43
CA PRO A 12 31.13 -6.82 3.12
C PRO A 12 30.61 -8.26 3.03
N ARG A 13 30.73 -9.04 4.10
CA ARG A 13 30.30 -10.43 4.07
C ARG A 13 29.89 -10.87 5.46
N GLU A 14 29.12 -11.95 5.51
CA GLU A 14 28.84 -12.63 6.76
C GLU A 14 30.07 -13.42 7.16
N SER A 15 30.38 -13.40 8.44
CA SER A 15 31.57 -14.03 8.97
C SER A 15 31.46 -14.08 10.47
N VAL A 16 32.37 -14.81 11.09
CA VAL A 16 32.54 -14.77 12.54
C VAL A 16 33.81 -14.00 12.91
N THR A 17 34.50 -13.48 11.89
CA THR A 17 35.81 -12.86 12.08
C THR A 17 35.85 -11.34 11.96
N ASP A 18 35.00 -10.79 11.09
CA ASP A 18 35.19 -9.41 10.67
C ASP A 18 34.58 -8.45 11.70
N HIS A 19 35.36 -7.50 12.20
CA HIS A 19 34.87 -6.57 13.19
C HIS A 19 35.75 -5.34 13.32
N VAL A 20 35.19 -4.32 13.97
CA VAL A 20 35.94 -3.13 14.35
C VAL A 20 35.86 -2.94 15.86
N ASN A 21 37.01 -2.74 16.50
CA ASN A 21 37.03 -2.37 17.91
C ASN A 21 37.05 -0.86 18.03
N LEU A 22 36.18 -0.31 18.87
CA LEU A 22 36.17 1.11 19.20
C LEU A 22 36.70 1.35 20.61
N ILE A 23 37.52 2.39 20.77
CA ILE A 23 38.19 2.66 22.04
C ILE A 23 37.78 4.01 22.59
N THR A 24 37.28 4.02 23.82
CA THR A 24 36.92 5.27 24.51
C THR A 24 37.86 5.52 25.70
N PRO A 25 38.22 6.79 25.94
CA PRO A 25 39.05 7.15 27.08
C PRO A 25 38.26 7.35 28.38
N LEU A 26 36.94 7.29 28.33
CA LEU A 26 36.12 7.64 29.47
C LEU A 26 36.53 6.98 30.80
N GLU A 27 36.61 5.65 30.82
CA GLU A 27 37.04 4.92 32.02
C GLU A 27 36.18 5.19 33.28
N LYS A 28 34.86 5.28 33.09
CA LYS A 28 33.90 5.42 34.18
C LYS A 28 32.68 4.55 33.93
N PRO A 29 32.00 4.10 35.00
CA PRO A 29 30.69 3.49 34.80
C PRO A 29 29.72 4.50 34.20
N LEU A 30 28.75 4.02 33.43
CA LEU A 30 27.79 4.91 32.78
C LEU A 30 26.46 4.90 33.51
N GLN A 31 26.02 6.08 33.91
CA GLN A 31 24.68 6.27 34.45
C GLN A 31 23.71 6.69 33.35
N ASN A 32 24.17 7.55 32.45
CA ASN A 32 23.37 8.09 31.35
C ASN A 32 24.19 7.98 30.08
N PHE A 33 23.54 7.68 28.96
CA PHE A 33 24.23 7.77 27.67
C PHE A 33 23.23 7.92 26.53
N THR A 34 23.74 8.43 25.42
CA THR A 34 23.05 8.39 24.14
C THR A 34 24.05 7.91 23.09
N LEU A 35 23.59 7.05 22.20
CA LEU A 35 24.38 6.53 21.09
C LEU A 35 23.59 6.75 19.80
N CYS A 36 24.22 7.39 18.81
CA CYS A 36 23.61 7.60 17.50
C CYS A 36 24.55 7.07 16.41
N PHE A 37 23.98 6.53 15.35
CA PHE A 37 24.78 6.12 14.19
C PHE A 37 23.84 5.88 13.02
N ARG A 38 24.43 5.76 11.83
CA ARG A 38 23.73 5.42 10.61
C ARG A 38 24.14 4.05 10.15
N ALA A 39 23.20 3.28 9.65
CA ALA A 39 23.48 1.93 9.19
C ALA A 39 22.69 1.63 7.92
N TYR A 40 23.21 0.71 7.13
CA TYR A 40 22.56 0.30 5.90
C TYR A 40 22.88 -1.18 5.70
N SER A 41 21.86 -2.01 5.82
CA SER A 41 22.00 -3.46 5.74
C SER A 41 20.78 -4.05 5.10
N ASP A 42 20.96 -5.08 4.28
CA ASP A 42 19.82 -5.81 3.72
C ASP A 42 19.65 -7.20 4.33
N LEU A 43 20.21 -7.39 5.53
CA LEU A 43 19.96 -8.61 6.30
C LEU A 43 18.51 -8.60 6.84
N SER A 44 17.87 -9.75 6.77
CA SER A 44 16.56 -9.89 7.39
CA SER A 44 16.54 -10.00 7.33
C SER A 44 16.64 -10.68 8.70
N ARG A 45 17.70 -11.45 8.89
CA ARG A 45 17.92 -12.11 10.17
C ARG A 45 18.35 -11.09 11.23
N ALA A 46 18.42 -11.56 12.47
CA ALA A 46 18.85 -10.72 13.58
C ALA A 46 20.33 -10.41 13.49
N TYR A 47 20.73 -9.29 14.06
CA TYR A 47 22.13 -8.92 14.09
C TYR A 47 22.43 -7.88 15.14
N SER A 48 23.67 -7.87 15.61
CA SER A 48 24.16 -6.87 16.53
C SER A 48 24.60 -5.59 15.80
N LEU A 49 24.12 -4.45 16.29
CA LEU A 49 24.54 -3.15 15.77
C LEU A 49 25.70 -2.55 16.57
N PHE A 50 25.67 -2.73 17.90
CA PHE A 50 26.68 -2.15 18.78
C PHE A 50 26.79 -3.01 20.00
N SER A 51 27.97 -3.56 20.24
CA SER A 51 28.17 -4.55 21.30
C SER A 51 29.22 -4.02 22.28
N TYR A 52 28.81 -3.84 23.54
CA TYR A 52 29.65 -3.31 24.60
C TYR A 52 29.60 -4.32 25.76
N ASN A 53 30.73 -4.99 25.99
CA ASN A 53 30.87 -6.00 27.04
C ASN A 53 31.97 -5.54 28.01
N THR A 54 31.88 -6.00 29.25
CA THR A 54 32.92 -5.71 30.22
C THR A 54 33.43 -7.02 30.80
N GLN A 55 34.47 -6.97 31.61
CA GLN A 55 35.11 -8.18 32.08
C GLN A 55 34.12 -9.01 32.87
N GLY A 56 33.90 -10.23 32.43
CA GLY A 56 32.99 -11.14 33.09
C GLY A 56 31.51 -10.83 32.87
N ARG A 57 31.20 -9.85 32.02
CA ARG A 57 29.81 -9.45 31.85
C ARG A 57 29.41 -9.33 30.38
N ASP A 58 28.60 -10.29 29.94
CA ASP A 58 28.06 -10.29 28.58
C ASP A 58 26.87 -9.36 28.50
N ASN A 59 26.63 -8.82 27.31
CA ASN A 59 25.44 -8.02 27.04
C ASN A 59 25.28 -6.89 28.04
N GLU A 60 26.38 -6.21 28.32
CA GLU A 60 26.37 -5.15 29.31
C GLU A 60 25.67 -3.91 28.74
N LEU A 61 25.92 -3.63 27.45
CA LEU A 61 25.19 -2.61 26.70
C LEU A 61 25.19 -3.11 25.26
N LEU A 62 24.02 -3.44 24.73
CA LEU A 62 23.94 -4.03 23.40
C LEU A 62 22.73 -3.52 22.64
N VAL A 63 22.98 -3.01 21.44
CA VAL A 63 21.91 -2.61 20.54
C VAL A 63 21.81 -3.70 19.48
N TYR A 64 20.65 -4.32 19.42
CA TYR A 64 20.46 -5.56 18.68
C TYR A 64 19.20 -5.46 17.83
N LYS A 65 19.32 -5.79 16.56
CA LYS A 65 18.19 -5.74 15.64
C LYS A 65 17.55 -7.12 15.56
N GLU A 66 16.31 -7.26 16.02
CA GLU A 66 15.68 -8.57 16.09
C GLU A 66 15.19 -9.07 14.73
N ARG A 67 14.65 -8.13 13.97
CA ARG A 67 14.03 -8.38 12.69
C ARG A 67 13.60 -7.02 12.18
N VAL A 68 13.16 -6.92 10.94
CA VAL A 68 12.76 -5.62 10.41
C VAL A 68 11.72 -5.00 11.34
N GLY A 69 11.91 -3.74 11.69
CA GLY A 69 10.93 -3.01 12.48
C GLY A 69 11.02 -3.21 13.99
N GLU A 70 12.05 -3.92 14.46
CA GLU A 70 12.16 -4.22 15.89
C GLU A 70 13.58 -4.03 16.39
N TYR A 71 13.74 -3.07 17.30
CA TYR A 71 15.03 -2.70 17.88
C TYR A 71 15.07 -3.03 19.37
N SER A 72 16.15 -3.66 19.80
CA SER A 72 16.30 -4.01 21.22
C SER A 72 17.52 -3.34 21.82
N LEU A 73 17.40 -2.97 23.08
CA LEU A 73 18.52 -2.52 23.88
C LEU A 73 18.66 -3.45 25.06
N TYR A 74 19.87 -3.98 25.26
CA TYR A 74 20.20 -4.69 26.50
C TYR A 74 21.02 -3.77 27.38
N ILE A 75 20.70 -3.74 28.67
CA ILE A 75 21.50 -3.11 29.69
C ILE A 75 21.71 -4.16 30.78
N GLY A 76 22.95 -4.50 31.07
CA GLY A 76 23.21 -5.45 32.14
C GLY A 76 22.42 -6.73 32.01
N ARG A 77 22.41 -7.27 30.78
CA ARG A 77 21.78 -8.55 30.46
C ARG A 77 20.26 -8.53 30.33
N HIS A 78 19.61 -7.48 30.82
CA HIS A 78 18.18 -7.32 30.66
C HIS A 78 17.91 -6.61 29.35
N LYS A 79 16.72 -6.76 28.79
CA LYS A 79 16.43 -6.16 27.49
C LYS A 79 15.06 -5.51 27.41
N VAL A 80 14.99 -4.54 26.51
CA VAL A 80 13.72 -3.99 26.05
C VAL A 80 13.71 -3.96 24.54
N THR A 81 12.51 -3.92 23.97
CA THR A 81 12.35 -3.93 22.53
C THR A 81 11.24 -2.96 22.15
N SER A 82 11.48 -2.16 21.11
CA SER A 82 10.44 -1.29 20.57
C SER A 82 10.33 -1.41 19.06
N LYS A 83 9.12 -1.15 18.56
CA LYS A 83 8.78 -1.39 17.17
C LYS A 83 8.60 -0.10 16.40
N VAL A 84 8.81 -0.19 15.09
CA VAL A 84 8.69 0.95 14.22
C VAL A 84 8.33 0.47 12.82
N ILE A 85 7.56 1.28 12.11
CA ILE A 85 7.33 1.09 10.68
C ILE A 85 8.55 1.63 9.93
N GLU A 86 9.25 0.76 9.22
CA GLU A 86 10.42 1.20 8.46
C GLU A 86 10.50 0.48 7.13
N LYS A 87 11.13 1.15 6.15
CA LYS A 87 11.33 0.55 4.84
C LYS A 87 12.45 -0.47 4.91
N PHE A 88 12.37 -1.49 4.07
CA PHE A 88 13.41 -2.51 3.99
C PHE A 88 13.65 -2.98 2.56
N PRO A 89 14.92 -2.96 2.09
CA PRO A 89 16.08 -2.36 2.78
C PRO A 89 16.09 -0.86 2.63
N ALA A 90 16.71 -0.20 3.60
CA ALA A 90 16.85 1.24 3.56
C ALA A 90 17.89 1.70 4.56
N PRO A 91 18.64 2.75 4.21
CA PRO A 91 19.49 3.43 5.19
C PRO A 91 18.64 3.85 6.38
N VAL A 92 19.23 3.81 7.57
CA VAL A 92 18.53 4.21 8.76
C VAL A 92 19.46 4.99 9.67
N HIS A 93 18.91 5.97 10.36
CA HIS A 93 19.61 6.64 11.44
C HIS A 93 18.97 6.19 12.77
N ILE A 94 19.82 5.74 13.67
CA ILE A 94 19.38 5.17 14.94
C ILE A 94 20.03 5.92 16.10
N CYS A 95 19.21 6.38 17.03
CA CYS A 95 19.72 6.84 18.33
C CYS A 95 19.03 6.05 19.41
N VAL A 96 19.76 5.77 20.48
CA VAL A 96 19.19 5.19 21.67
C VAL A 96 19.83 5.83 22.89
N SER A 97 19.00 6.20 23.87
CA SER A 97 19.52 6.71 25.13
C SER A 97 18.97 5.87 26.26
N TRP A 98 19.68 5.91 27.38
CA TRP A 98 19.24 5.27 28.59
C TRP A 98 19.69 6.08 29.80
N GLU A 99 18.83 6.10 30.80
CA GLU A 99 18.99 6.92 31.99
C GLU A 99 18.81 6.02 33.20
N SER A 100 19.86 5.81 34.00
CA SER A 100 19.80 4.92 35.15
C SER A 100 18.71 5.31 36.14
N SER A 101 18.59 6.59 36.43
CA SER A 101 17.72 7.01 37.52
C SER A 101 16.27 6.61 37.29
N SER A 102 15.84 6.61 36.03
CA SER A 102 14.47 6.23 35.68
C SER A 102 14.39 4.84 35.03
N GLY A 103 15.53 4.36 34.54
CA GLY A 103 15.58 3.15 33.73
C GLY A 103 15.11 3.33 32.28
N ILE A 104 14.73 4.54 31.90
CA ILE A 104 14.09 4.75 30.61
C ILE A 104 15.06 4.66 29.45
N ALA A 105 14.66 3.88 28.45
CA ALA A 105 15.35 3.77 27.17
C ALA A 105 14.50 4.41 26.08
N GLU A 106 15.14 5.29 25.29
CA GLU A 106 14.47 5.99 24.19
C GLU A 106 15.17 5.64 22.89
N PHE A 107 14.48 4.95 21.99
CA PHE A 107 14.95 4.79 20.62
C PHE A 107 14.37 5.90 19.73
N TRP A 108 15.19 6.39 18.82
CA TRP A 108 14.78 7.32 17.79
C TRP A 108 15.24 6.76 16.45
N ILE A 109 14.31 6.60 15.52
CA ILE A 109 14.61 6.02 14.21
C ILE A 109 14.30 7.08 13.16
N ASN A 110 15.33 7.49 12.43
CA ASN A 110 15.19 8.59 11.45
C ASN A 110 14.53 9.82 12.07
N GLY A 111 14.94 10.15 13.30
CA GLY A 111 14.46 11.36 13.96
C GLY A 111 13.08 11.25 14.57
N THR A 112 12.51 10.04 14.56
CA THR A 112 11.20 9.85 15.15
CA THR A 112 11.18 9.77 15.08
C THR A 112 11.27 8.92 16.34
N PRO A 113 10.58 9.32 17.41
CA PRO A 113 10.69 8.57 18.67
C PRO A 113 9.84 7.32 18.70
N LEU A 114 10.43 6.22 19.15
CA LEU A 114 9.70 5.01 19.42
C LEU A 114 9.10 5.08 20.83
N VAL A 115 8.26 4.12 21.15
CA VAL A 115 7.68 4.05 22.48
C VAL A 115 8.78 3.83 23.51
N LYS A 116 8.78 4.64 24.56
CA LYS A 116 9.74 4.45 25.65
C LYS A 116 9.53 3.14 26.38
N LYS A 117 10.63 2.52 26.79
CA LYS A 117 10.57 1.32 27.61
C LYS A 117 11.54 1.55 28.76
N GLY A 118 11.55 0.63 29.73
CA GLY A 118 12.36 0.83 30.92
C GLY A 118 12.97 -0.45 31.44
N LEU A 119 14.22 -0.35 31.90
CA LEU A 119 14.96 -1.48 32.45
C LEU A 119 16.12 -1.01 33.33
N ARG A 120 16.48 -1.85 34.28
CA ARG A 120 17.66 -1.67 35.11
C ARG A 120 17.73 -0.31 35.81
N GLN A 121 16.59 0.15 36.32
CA GLN A 121 16.56 1.38 37.08
C GLN A 121 17.55 1.27 38.24
N GLY A 122 18.43 2.26 38.35
CA GLY A 122 19.39 2.32 39.44
C GLY A 122 20.71 1.60 39.18
N TYR A 123 20.79 0.89 38.06
CA TYR A 123 21.99 0.20 37.65
C TYR A 123 23.01 1.15 37.04
N PHE A 124 24.29 0.82 37.18
CA PHE A 124 25.35 1.53 36.47
C PHE A 124 25.98 0.58 35.47
N VAL A 125 26.02 0.99 34.21
CA VAL A 125 26.70 0.20 33.19
C VAL A 125 28.18 0.18 33.55
N GLU A 126 28.77 -1.01 33.56
CA GLU A 126 30.16 -1.16 33.98
C GLU A 126 31.14 -0.44 33.07
N ALA A 127 32.25 -0.02 33.69
CA ALA A 127 33.32 0.68 32.99
C ALA A 127 34.30 -0.30 32.30
N GLN A 128 35.23 0.27 31.55
CA GLN A 128 36.28 -0.48 30.88
C GLN A 128 35.72 -1.53 29.91
N PRO A 129 34.96 -1.05 28.91
CA PRO A 129 34.39 -1.98 27.94
C PRO A 129 35.36 -2.36 26.85
N LYS A 130 34.99 -3.44 26.17
CA LYS A 130 35.39 -3.67 24.80
C LYS A 130 34.15 -3.38 23.97
N ILE A 131 34.33 -2.56 22.95
CA ILE A 131 33.23 -2.10 22.12
C ILE A 131 33.47 -2.59 20.71
N VAL A 132 32.49 -3.33 20.16
CA VAL A 132 32.66 -3.98 18.88
C VAL A 132 31.53 -3.65 17.92
N LEU A 133 31.92 -3.27 16.69
CA LEU A 133 31.01 -3.22 15.56
C LEU A 133 31.24 -4.43 14.67
N GLY A 134 30.18 -4.98 14.09
CA GLY A 134 30.30 -6.06 13.13
C GLY A 134 30.00 -7.44 13.68
N GLN A 135 30.17 -7.60 14.99
CA GLN A 135 29.92 -8.88 15.66
C GLN A 135 29.32 -8.61 17.02
N GLU A 136 28.63 -9.62 17.53
CA GLU A 136 28.08 -9.63 18.88
C GLU A 136 29.05 -10.38 19.79
N GLN A 137 29.53 -9.72 20.84
CA GLN A 137 30.46 -10.38 21.78
C GLN A 137 29.71 -11.29 22.72
N ASP A 138 30.28 -12.45 23.03
CA ASP A 138 29.85 -13.24 24.19
C ASP A 138 30.92 -13.32 25.27
N SER A 139 32.11 -12.80 25.00
CA SER A 139 33.17 -12.70 25.99
C SER A 139 33.71 -11.27 26.00
N TYR A 140 34.77 -11.03 26.76
CA TYR A 140 35.35 -9.70 26.82
C TYR A 140 36.24 -9.52 25.62
N GLY A 141 35.63 -9.11 24.51
CA GLY A 141 36.33 -8.88 23.26
C GLY A 141 36.16 -9.94 22.19
N GLY A 142 35.42 -11.00 22.46
CA GLY A 142 35.34 -12.09 21.50
C GLY A 142 34.11 -12.97 21.63
N LYS A 143 34.28 -14.24 21.26
CA LYS A 143 33.22 -15.24 21.23
C LYS A 143 32.06 -14.74 20.40
N PHE A 144 32.37 -14.46 19.14
CA PHE A 144 31.41 -13.96 18.17
C PHE A 144 30.56 -15.11 17.61
N ASP A 145 29.55 -14.75 16.83
CA ASP A 145 28.58 -15.70 16.30
C ASP A 145 28.17 -15.21 14.91
N ARG A 146 28.47 -15.97 13.87
CA ARG A 146 28.21 -15.58 12.48
CA ARG A 146 28.23 -15.49 12.52
C ARG A 146 26.75 -15.19 12.26
N SER A 147 25.85 -15.87 12.95
CA SER A 147 24.41 -15.65 12.75
C SER A 147 23.94 -14.33 13.39
N GLN A 148 24.82 -13.65 14.11
CA GLN A 148 24.53 -12.35 14.68
C GLN A 148 25.42 -11.26 14.10
N SER A 149 26.24 -11.60 13.10
CA SER A 149 27.13 -10.63 12.49
C SER A 149 26.38 -9.56 11.72
N PHE A 150 26.96 -8.37 11.68
CA PHE A 150 26.40 -7.30 10.90
C PHE A 150 27.08 -7.26 9.54
N VAL A 151 26.28 -7.32 8.49
CA VAL A 151 26.77 -7.21 7.13
C VAL A 151 26.15 -5.96 6.55
N GLY A 152 26.99 -5.06 6.06
CA GLY A 152 26.53 -3.79 5.55
C GLY A 152 27.45 -2.67 5.95
N GLU A 153 26.90 -1.47 6.12
CA GLU A 153 27.69 -0.26 6.27
C GLU A 153 27.25 0.51 7.50
N ILE A 154 28.21 1.01 8.26
CA ILE A 154 27.93 1.86 9.42
C ILE A 154 28.75 3.13 9.35
N GLY A 155 28.12 4.26 9.67
CA GLY A 155 28.84 5.52 9.72
C GLY A 155 28.22 6.47 10.74
N ASP A 156 28.83 7.64 10.85
CA ASP A 156 28.30 8.74 11.67
C ASP A 156 27.95 8.30 13.10
N LEU A 157 28.86 7.57 13.74
CA LEU A 157 28.62 7.09 15.09
C LEU A 157 29.17 8.03 16.15
N TYR A 158 28.31 8.35 17.12
CA TYR A 158 28.61 9.27 18.21
C TYR A 158 28.00 8.70 19.47
N MET A 159 28.70 8.84 20.60
CA MET A 159 28.18 8.41 21.89
C MET A 159 28.52 9.46 22.93
N TRP A 160 27.49 9.84 23.69
CA TRP A 160 27.57 10.88 24.72
C TRP A 160 27.26 10.28 26.07
N ASP A 161 27.83 10.85 27.13
CA ASP A 161 27.55 10.39 28.50
C ASP A 161 26.37 11.10 29.15
N SER A 162 25.40 11.51 28.33
CA SER A 162 24.19 12.14 28.81
C SER A 162 23.02 11.71 27.94
N VAL A 163 21.80 12.00 28.39
CA VAL A 163 20.59 11.76 27.62
C VAL A 163 20.28 12.98 26.75
N LEU A 164 20.41 12.84 25.43
CA LEU A 164 20.16 13.96 24.53
C LEU A 164 18.68 14.30 24.48
N PRO A 165 18.36 15.60 24.50
CA PRO A 165 16.99 16.02 24.24
C PRO A 165 16.66 15.91 22.75
N PRO A 166 15.37 15.95 22.40
CA PRO A 166 14.95 15.76 21.01
C PRO A 166 15.67 16.65 20.00
N GLU A 167 15.90 17.91 20.35
CA GLU A 167 16.55 18.83 19.41
C GLU A 167 17.97 18.35 19.04
N ASN A 168 18.68 17.78 20.01
CA ASN A 168 20.04 17.30 19.73
C ASN A 168 20.05 15.97 18.94
N ILE A 169 19.03 15.16 19.16
CA ILE A 169 18.86 13.95 18.36
CA ILE A 169 18.82 13.95 18.36
C ILE A 169 18.61 14.33 16.89
N LEU A 170 17.73 15.29 16.69
CA LEU A 170 17.45 15.75 15.33
C LEU A 170 18.69 16.35 14.67
N SER A 171 19.47 17.11 15.42
CA SER A 171 20.73 17.63 14.89
C SER A 171 21.64 16.49 14.42
N ALA A 172 21.72 15.42 15.20
CA ALA A 172 22.53 14.27 14.77
C ALA A 172 21.97 13.66 13.50
N TYR A 173 20.65 13.47 13.46
CA TYR A 173 19.99 12.90 12.29
C TYR A 173 20.30 13.74 11.05
N GLN A 174 20.24 15.06 11.19
CA GLN A 174 20.41 15.98 10.07
C GLN A 174 21.86 16.16 9.64
N GLY A 175 22.80 15.63 10.43
CA GLY A 175 24.20 15.68 10.06
C GLY A 175 24.99 16.79 10.76
N THR A 176 24.40 17.39 11.79
CA THR A 176 25.14 18.35 12.61
C THR A 176 25.12 17.95 14.08
N PRO A 177 25.66 16.76 14.40
CA PRO A 177 25.68 16.30 15.78
C PRO A 177 26.49 17.20 16.69
N LEU A 178 26.06 17.30 17.94
CA LEU A 178 26.87 17.97 18.95
C LEU A 178 28.11 17.12 19.22
N PRO A 179 29.24 17.78 19.52
CA PRO A 179 30.44 16.99 19.81
C PRO A 179 30.18 16.01 20.95
N ALA A 180 30.76 14.84 20.81
CA ALA A 180 30.44 13.70 21.66
C ALA A 180 31.65 13.26 22.46
N ASN A 181 31.43 12.88 23.71
CA ASN A 181 32.53 12.67 24.64
C ASN A 181 32.88 11.21 25.02
N ILE A 182 32.12 10.25 24.53
CA ILE A 182 32.51 8.86 24.70
C ILE A 182 33.13 8.30 23.40
N LEU A 183 32.41 8.43 22.29
CA LEU A 183 32.90 8.08 20.97
C LEU A 183 32.50 9.18 19.99
N ASP A 184 33.39 9.54 19.07
CA ASP A 184 33.09 10.61 18.12
C ASP A 184 33.70 10.26 16.76
N TRP A 185 32.84 10.13 15.75
CA TRP A 185 33.20 9.73 14.40
C TRP A 185 34.29 10.61 13.80
N GLN A 186 34.35 11.86 14.25
CA GLN A 186 35.33 12.83 13.74
C GLN A 186 36.68 12.76 14.46
N ALA A 187 36.75 11.95 15.51
CA ALA A 187 37.99 11.73 16.24
C ALA A 187 37.95 10.34 16.86
N LEU A 188 37.93 9.34 15.99
CA LEU A 188 37.64 7.97 16.39
C LEU A 188 38.91 7.16 16.52
N ASN A 189 38.97 6.42 17.61
CA ASN A 189 40.07 5.49 17.82
CA ASN A 189 40.07 5.50 17.87
C ASN A 189 39.55 4.08 17.64
N TYR A 190 40.02 3.42 16.59
CA TYR A 190 39.47 2.13 16.19
C TYR A 190 40.53 1.18 15.70
N GLU A 191 40.16 -0.11 15.65
CA GLU A 191 41.01 -1.16 15.12
C GLU A 191 40.19 -2.04 14.19
N ILE A 192 40.58 -2.11 12.93
CA ILE A 192 39.96 -3.04 12.01
C ILE A 192 40.58 -4.41 12.16
N ARG A 193 39.73 -5.44 12.20
CA ARG A 193 40.17 -6.83 12.28
C ARG A 193 39.40 -7.64 11.26
N GLY A 194 40.10 -8.44 10.46
CA GLY A 194 39.44 -9.18 9.41
C GLY A 194 39.03 -8.29 8.25
N TYR A 195 37.95 -8.68 7.55
CA TYR A 195 37.57 -8.04 6.30
C TYR A 195 36.59 -6.90 6.56
N VAL A 196 37.12 -5.71 6.80
CA VAL A 196 36.34 -4.49 6.92
C VAL A 196 37.05 -3.45 6.09
N ILE A 197 36.29 -2.76 5.24
CA ILE A 197 36.84 -1.79 4.31
C ILE A 197 36.22 -0.43 4.57
N ILE A 198 37.04 0.61 4.61
CA ILE A 198 36.54 1.98 4.75
C ILE A 198 36.30 2.54 3.35
N LYS A 199 35.09 3.04 3.13
CA LYS A 199 34.70 3.62 1.85
C LYS A 199 33.96 4.94 2.08
N PRO A 200 33.90 5.78 1.04
CA PRO A 200 33.06 6.96 1.15
C PRO A 200 31.60 6.61 1.42
N LEU A 201 30.92 7.48 2.16
CA LEU A 201 29.49 7.37 2.39
C LEU A 201 28.77 7.88 1.16
N VAL A 202 28.03 7.00 0.48
CA VAL A 202 27.36 7.40 -0.76
C VAL A 202 25.84 7.39 -0.66
N TRP A 203 25.30 6.99 0.49
CA TRP A 203 23.86 6.76 0.60
C TRP A 203 23.10 7.75 1.49
N VAL A 204 23.71 8.89 1.78
CA VAL A 204 22.93 10.01 2.33
C VAL A 204 22.79 11.09 1.27
N HIS B 1 -42.21 15.66 5.68
CA HIS B 1 -42.44 17.00 6.28
C HIS B 1 -41.52 17.27 7.47
N THR B 2 -40.42 16.53 7.58
CA THR B 2 -39.38 16.81 8.56
C THR B 2 -38.08 17.15 7.84
N ASP B 3 -37.45 18.24 8.27
CA ASP B 3 -36.18 18.69 7.70
C ASP B 3 -35.03 18.05 8.47
N LEU B 4 -34.38 17.07 7.83
CA LEU B 4 -33.25 16.39 8.48
C LEU B 4 -31.89 16.93 8.05
N SER B 5 -31.85 18.11 7.44
CA SER B 5 -30.57 18.73 7.11
C SER B 5 -29.60 18.66 8.27
N GLY B 6 -28.40 18.17 7.97
CA GLY B 6 -27.33 18.10 8.94
C GLY B 6 -27.50 17.01 9.97
N LYS B 7 -28.43 16.08 9.72
CA LYS B 7 -28.72 14.99 10.65
C LYS B 7 -28.67 13.64 9.94
N VAL B 8 -28.45 12.59 10.75
CA VAL B 8 -28.46 11.22 10.29
C VAL B 8 -29.36 10.35 11.15
N PHE B 9 -29.83 9.25 10.57
CA PHE B 9 -30.33 8.14 11.38
C PHE B 9 -29.15 7.30 11.83
N VAL B 10 -29.06 7.03 13.13
CA VAL B 10 -28.09 6.08 13.67
C VAL B 10 -28.81 4.79 14.08
N PHE B 11 -28.38 3.68 13.47
CA PHE B 11 -28.84 2.33 13.81
C PHE B 11 -27.70 1.79 14.67
N PRO B 12 -27.82 1.92 16.01
CA PRO B 12 -26.61 1.80 16.84
C PRO B 12 -26.23 0.37 17.23
N ARG B 13 -27.03 -0.61 16.85
CA ARG B 13 -26.74 -2.00 17.20
C ARG B 13 -27.30 -2.93 16.14
N GLU B 14 -26.75 -4.15 16.13
CA GLU B 14 -27.32 -5.21 15.32
C GLU B 14 -28.58 -5.77 15.99
N SER B 15 -29.62 -5.98 15.17
CA SER B 15 -30.90 -6.48 15.65
C SER B 15 -31.69 -7.04 14.49
N VAL B 16 -32.80 -7.69 14.80
CA VAL B 16 -33.71 -8.11 13.76
CA VAL B 16 -33.74 -8.11 13.75
C VAL B 16 -34.81 -7.06 13.54
N THR B 17 -35.06 -6.21 14.53
CA THR B 17 -36.22 -5.32 14.44
C THR B 17 -36.03 -3.79 14.38
N ASP B 18 -34.82 -3.27 14.65
CA ASP B 18 -34.64 -1.83 14.56
C ASP B 18 -34.70 -1.37 13.09
N HIS B 19 -35.54 -0.40 12.78
CA HIS B 19 -35.65 0.08 11.41
C HIS B 19 -36.39 1.40 11.30
N VAL B 20 -36.27 2.03 10.13
CA VAL B 20 -37.04 3.22 9.79
C VAL B 20 -37.87 2.92 8.55
N ASN B 21 -39.16 3.23 8.60
CA ASN B 21 -40.00 3.18 7.42
C ASN B 21 -39.99 4.56 6.77
N LEU B 22 -39.78 4.60 5.46
CA LEU B 22 -39.84 5.85 4.71
C LEU B 22 -41.16 5.87 3.96
N ILE B 23 -41.88 6.97 4.12
CA ILE B 23 -43.25 7.13 3.62
CA ILE B 23 -43.24 7.08 3.59
C ILE B 23 -43.28 8.01 2.39
N THR B 24 -43.83 7.50 1.29
CA THR B 24 -43.98 8.27 0.05
C THR B 24 -45.29 7.82 -0.60
N PRO B 25 -46.08 8.77 -1.13
CA PRO B 25 -47.35 8.45 -1.81
C PRO B 25 -47.10 8.01 -3.24
N LEU B 26 -46.39 6.91 -3.42
CA LEU B 26 -45.98 6.48 -4.74
C LEU B 26 -47.01 5.51 -5.28
N GLU B 27 -47.86 6.02 -6.17
CA GLU B 27 -49.01 5.28 -6.66
C GLU B 27 -48.78 4.71 -8.06
N LYS B 28 -47.88 5.34 -8.81
CA LYS B 28 -47.64 4.92 -10.19
C LYS B 28 -46.29 4.21 -10.31
N PRO B 29 -46.26 3.09 -11.03
CA PRO B 29 -45.01 2.33 -11.16
C PRO B 29 -43.90 3.20 -11.74
N LEU B 30 -42.66 2.90 -11.37
CA LEU B 30 -41.51 3.67 -11.81
C LEU B 30 -40.83 3.07 -13.02
N GLN B 31 -40.62 3.91 -14.02
CA GLN B 31 -39.88 3.56 -15.22
C GLN B 31 -38.43 4.00 -15.08
N ASN B 32 -38.20 5.02 -14.26
CA ASN B 32 -36.88 5.62 -14.07
C ASN B 32 -36.73 6.06 -12.64
N PHE B 33 -35.55 5.96 -12.07
CA PHE B 33 -35.30 6.58 -10.77
C PHE B 33 -33.82 6.76 -10.52
N THR B 34 -33.52 7.64 -9.58
CA THR B 34 -32.19 7.79 -9.00
C THR B 34 -32.37 7.87 -7.50
N LEU B 35 -31.48 7.20 -6.78
CA LEU B 35 -31.45 7.20 -5.33
C LEU B 35 -30.04 7.56 -4.88
N CYS B 36 -29.90 8.59 -4.05
CA CYS B 36 -28.60 9.00 -3.50
C CYS B 36 -28.71 9.06 -1.99
N PHE B 37 -27.64 8.70 -1.29
CA PHE B 37 -27.57 8.84 0.17
C PHE B 37 -26.12 8.71 0.63
N ARG B 38 -25.88 9.09 1.88
CA ARG B 38 -24.57 8.90 2.48
C ARG B 38 -24.71 7.86 3.57
N ALA B 39 -23.69 7.02 3.73
CA ALA B 39 -23.72 5.98 4.75
C ALA B 39 -22.36 5.82 5.39
N TYR B 40 -22.35 5.37 6.63
CA TYR B 40 -21.08 5.12 7.32
C TYR B 40 -21.32 3.93 8.23
N SER B 41 -20.63 2.83 7.92
CA SER B 41 -20.80 1.58 8.67
C SER B 41 -19.44 0.90 8.75
N ASP B 42 -19.19 0.18 9.83
CA ASP B 42 -17.97 -0.62 9.90
C ASP B 42 -18.26 -2.13 9.91
N LEU B 43 -19.44 -2.50 9.42
CA LEU B 43 -19.75 -3.91 9.15
C LEU B 43 -18.93 -4.42 7.97
N SER B 44 -18.42 -5.64 8.12
CA SER B 44 -17.80 -6.31 6.97
CA SER B 44 -17.75 -6.40 7.06
C SER B 44 -18.70 -7.38 6.38
N ARG B 45 -19.69 -7.86 7.13
CA ARG B 45 -20.69 -8.77 6.59
C ARG B 45 -21.60 -7.99 5.64
N ALA B 46 -22.43 -8.72 4.90
CA ALA B 46 -23.39 -8.11 3.99
C ALA B 46 -24.49 -7.38 4.74
N TYR B 47 -25.04 -6.35 4.09
CA TYR B 47 -26.19 -5.65 4.63
C TYR B 47 -26.98 -4.91 3.58
N SER B 48 -28.25 -4.70 3.89
CA SER B 48 -29.12 -3.89 3.05
C SER B 48 -29.00 -2.40 3.39
N LEU B 49 -28.83 -1.60 2.34
CA LEU B 49 -28.85 -0.15 2.47
C LEU B 49 -30.23 0.46 2.26
N PHE B 50 -31.01 -0.09 1.34
CA PHE B 50 -32.33 0.46 1.01
C PHE B 50 -33.19 -0.66 0.47
N SER B 51 -34.28 -0.95 1.17
CA SER B 51 -35.15 -2.11 0.87
C SER B 51 -36.56 -1.61 0.53
N TYR B 52 -36.97 -1.91 -0.70
CA TYR B 52 -38.27 -1.49 -1.24
C TYR B 52 -38.96 -2.76 -1.77
N ASN B 53 -40.04 -3.14 -1.09
CA ASN B 53 -40.82 -4.32 -1.42
C ASN B 53 -42.24 -3.90 -1.71
N THR B 54 -42.95 -4.67 -2.53
CA THR B 54 -44.37 -4.39 -2.76
C THR B 54 -45.17 -5.65 -2.46
N GLN B 55 -46.49 -5.56 -2.44
CA GLN B 55 -47.29 -6.73 -2.05
C GLN B 55 -47.02 -7.92 -2.95
N GLY B 56 -46.59 -9.02 -2.35
CA GLY B 56 -46.28 -10.23 -3.07
C GLY B 56 -44.96 -10.22 -3.82
N ARG B 57 -44.17 -9.17 -3.67
CA ARG B 57 -42.93 -9.04 -4.43
C ARG B 57 -41.75 -8.65 -3.56
N ASP B 58 -40.84 -9.61 -3.36
CA ASP B 58 -39.62 -9.38 -2.60
C ASP B 58 -38.55 -8.78 -3.51
N ASN B 59 -37.69 -7.96 -2.92
CA ASN B 59 -36.55 -7.40 -3.65
C ASN B 59 -36.99 -6.67 -4.91
N GLU B 60 -38.04 -5.88 -4.77
CA GLU B 60 -38.58 -5.14 -5.91
C GLU B 60 -37.60 -4.04 -6.35
N LEU B 61 -37.03 -3.35 -5.37
CA LEU B 61 -35.93 -2.41 -5.58
C LEU B 61 -35.09 -2.51 -4.30
N LEU B 62 -33.86 -3.02 -4.42
CA LEU B 62 -33.03 -3.23 -3.25
C LEU B 62 -31.60 -2.83 -3.56
N VAL B 63 -31.04 -2.02 -2.66
CA VAL B 63 -29.62 -1.68 -2.73
C VAL B 63 -28.94 -2.41 -1.58
N TYR B 64 -27.99 -3.29 -1.94
CA TYR B 64 -27.45 -4.27 -1.01
C TYR B 64 -25.93 -4.27 -1.13
N LYS B 65 -25.26 -4.27 0.01
CA LYS B 65 -23.80 -4.28 0.05
C LYS B 65 -23.33 -5.69 0.38
N GLU B 66 -22.77 -6.37 -0.63
CA GLU B 66 -22.37 -7.77 -0.52
C GLU B 66 -21.17 -7.94 0.42
N ARG B 67 -20.22 -7.04 0.24
CA ARG B 67 -18.94 -7.06 0.92
C ARG B 67 -18.25 -5.77 0.54
N VAL B 68 -17.15 -5.46 1.20
CA VAL B 68 -16.40 -4.26 0.88
C VAL B 68 -16.12 -4.22 -0.62
N GLY B 69 -16.38 -3.06 -1.23
CA GLY B 69 -16.07 -2.85 -2.63
C GLY B 69 -17.06 -3.42 -3.64
N GLU B 70 -18.21 -3.90 -3.16
CA GLU B 70 -19.18 -4.53 -4.05
CA GLU B 70 -19.18 -4.57 -4.02
C GLU B 70 -20.60 -4.09 -3.74
N TYR B 71 -21.20 -3.39 -4.71
CA TYR B 71 -22.54 -2.85 -4.58
C TYR B 71 -23.52 -3.51 -5.53
N SER B 72 -24.67 -3.92 -5.00
CA SER B 72 -25.69 -4.59 -5.80
C SER B 72 -27.00 -3.82 -5.84
N LEU B 73 -27.63 -3.87 -7.00
CA LEU B 73 -28.98 -3.36 -7.19
C LEU B 73 -29.85 -4.51 -7.66
N TYR B 74 -30.98 -4.69 -6.97
CA TYR B 74 -32.02 -5.62 -7.41
C TYR B 74 -33.19 -4.82 -7.96
N ILE B 75 -33.71 -5.25 -9.11
CA ILE B 75 -34.95 -4.73 -9.69
C ILE B 75 -35.83 -5.94 -9.97
N GLY B 76 -37.00 -6.00 -9.35
CA GLY B 76 -37.88 -7.16 -9.50
C GLY B 76 -37.19 -8.49 -9.31
N ARG B 77 -36.39 -8.63 -8.26
CA ARG B 77 -35.72 -9.90 -7.91
C ARG B 77 -34.41 -10.15 -8.65
N HIS B 78 -34.23 -9.53 -9.82
CA HIS B 78 -33.00 -9.71 -10.57
C HIS B 78 -31.96 -8.77 -10.00
N LYS B 79 -30.70 -9.14 -10.11
CA LYS B 79 -29.65 -8.27 -9.58
C LYS B 79 -28.49 -8.02 -10.54
N VAL B 80 -27.86 -6.87 -10.33
CA VAL B 80 -26.56 -6.59 -10.91
C VAL B 80 -25.65 -6.15 -9.78
N THR B 81 -24.34 -6.29 -10.00
CA THR B 81 -23.34 -5.94 -9.01
C THR B 81 -22.19 -5.27 -9.70
N SER B 82 -21.69 -4.18 -9.11
CA SER B 82 -20.49 -3.54 -9.60
C SER B 82 -19.48 -3.28 -8.49
N LYS B 83 -18.21 -3.27 -8.87
CA LYS B 83 -17.11 -3.22 -7.92
C LYS B 83 -16.44 -1.85 -7.92
N VAL B 84 -15.82 -1.53 -6.80
CA VAL B 84 -15.08 -0.30 -6.66
C VAL B 84 -13.97 -0.48 -5.63
N ILE B 85 -12.87 0.22 -5.85
CA ILE B 85 -11.84 0.39 -4.84
C ILE B 85 -12.32 1.39 -3.79
N GLU B 86 -12.43 0.96 -2.53
CA GLU B 86 -12.86 1.88 -1.48
C GLU B 86 -12.12 1.55 -0.18
N LYS B 87 -11.99 2.55 0.67
CA LYS B 87 -11.39 2.34 1.98
C LYS B 87 -12.40 1.70 2.91
N PHE B 88 -11.92 0.98 3.90
CA PHE B 88 -12.80 0.39 4.91
C PHE B 88 -12.17 0.43 6.29
N PRO B 89 -12.90 0.94 7.28
CA PRO B 89 -14.20 1.63 7.16
C PRO B 89 -14.03 3.05 6.65
N ALA B 90 -15.06 3.56 5.99
CA ALA B 90 -15.04 4.94 5.56
C ALA B 90 -16.44 5.40 5.21
N PRO B 91 -16.74 6.67 5.48
CA PRO B 91 -18.01 7.21 4.98
C PRO B 91 -18.07 7.11 3.46
N VAL B 92 -19.26 6.96 2.92
CA VAL B 92 -19.42 6.86 1.49
C VAL B 92 -20.65 7.63 1.05
N HIS B 93 -20.59 8.19 -0.15
CA HIS B 93 -21.76 8.73 -0.82
C HIS B 93 -22.09 7.80 -1.98
N ILE B 94 -23.34 7.36 -2.03
CA ILE B 94 -23.79 6.39 -3.02
C ILE B 94 -24.96 6.98 -3.79
N CYS B 95 -24.89 6.96 -5.11
CA CYS B 95 -26.04 7.16 -5.96
C CYS B 95 -26.20 5.94 -6.86
N VAL B 96 -27.44 5.57 -7.12
CA VAL B 96 -27.72 4.55 -8.11
C VAL B 96 -28.94 4.96 -8.91
N SER B 97 -28.84 4.85 -10.23
CA SER B 97 -29.98 5.12 -11.09
C SER B 97 -30.31 3.90 -11.92
N TRP B 98 -31.55 3.85 -12.39
CA TRP B 98 -31.97 2.77 -13.27
C TRP B 98 -33.02 3.29 -14.22
N GLU B 99 -32.96 2.79 -15.45
CA GLU B 99 -33.74 3.29 -16.57
C GLU B 99 -34.38 2.10 -17.27
N SER B 100 -35.70 2.02 -17.30
CA SER B 100 -36.37 0.89 -17.93
C SER B 100 -36.03 0.75 -19.43
N SER B 101 -35.99 1.87 -20.14
CA SER B 101 -35.86 1.79 -21.60
C SER B 101 -34.62 1.00 -22.03
N SER B 102 -33.53 1.19 -21.29
CA SER B 102 -32.26 0.54 -21.60
C SER B 102 -31.93 -0.59 -20.63
N GLY B 103 -32.57 -0.59 -19.47
CA GLY B 103 -32.24 -1.49 -18.38
C GLY B 103 -30.98 -1.10 -17.61
N ILE B 104 -30.36 0.01 -17.98
CA ILE B 104 -29.07 0.37 -17.42
C ILE B 104 -29.16 0.85 -15.98
N ALA B 105 -28.30 0.26 -15.13
CA ALA B 105 -28.10 0.67 -13.75
C ALA B 105 -26.74 1.34 -13.64
N GLU B 106 -26.72 2.55 -13.07
CA GLU B 106 -25.48 3.30 -12.88
C GLU B 106 -25.23 3.52 -11.40
N PHE B 107 -24.16 2.96 -10.86
CA PHE B 107 -23.71 3.30 -9.51
C PHE B 107 -22.65 4.40 -9.57
N TRP B 108 -22.74 5.34 -8.65
CA TRP B 108 -21.72 6.36 -8.45
C TRP B 108 -21.33 6.32 -6.98
N ILE B 109 -20.03 6.15 -6.71
CA ILE B 109 -19.52 6.06 -5.36
C ILE B 109 -18.56 7.23 -5.15
N ASN B 110 -18.88 8.11 -4.20
CA ASN B 110 -18.12 9.34 -3.98
C ASN B 110 -17.89 10.13 -5.28
N GLY B 111 -18.95 10.24 -6.07
CA GLY B 111 -18.89 10.99 -7.31
C GLY B 111 -18.15 10.32 -8.45
N THR B 112 -17.76 9.05 -8.28
CA THR B 112 -17.09 8.35 -9.36
CA THR B 112 -17.03 8.27 -9.29
C THR B 112 -17.95 7.22 -9.89
N PRO B 113 -18.04 7.15 -11.22
CA PRO B 113 -18.94 6.18 -11.81
C PRO B 113 -18.35 4.77 -11.81
N LEU B 114 -19.17 3.79 -11.41
CA LEU B 114 -18.82 2.38 -11.55
C LEU B 114 -19.16 1.91 -12.95
N VAL B 115 -18.72 0.70 -13.29
CA VAL B 115 -19.07 0.14 -14.58
C VAL B 115 -20.60 -0.02 -14.66
N LYS B 116 -21.18 0.44 -15.77
CA LYS B 116 -22.61 0.25 -15.97
C LYS B 116 -22.97 -1.23 -16.12
N LYS B 117 -24.12 -1.62 -15.56
CA LYS B 117 -24.68 -2.93 -15.80
C LYS B 117 -26.13 -2.75 -16.24
N GLY B 118 -26.81 -3.83 -16.56
CA GLY B 118 -28.17 -3.72 -17.07
C GLY B 118 -29.02 -4.91 -16.71
N LEU B 119 -30.29 -4.61 -16.43
CA LEU B 119 -31.27 -5.63 -16.03
C LEU B 119 -32.67 -5.12 -16.25
N ARG B 120 -33.61 -6.03 -16.47
CA ARG B 120 -35.02 -5.70 -16.49
C ARG B 120 -35.37 -4.60 -17.50
N GLN B 121 -34.77 -4.66 -18.67
CA GLN B 121 -35.11 -3.72 -19.73
C GLN B 121 -36.61 -3.85 -20.05
N GLY B 122 -37.32 -2.73 -20.04
CA GLY B 122 -38.74 -2.73 -20.38
C GLY B 122 -39.67 -2.96 -19.20
N TYR B 123 -39.09 -3.23 -18.03
CA TYR B 123 -39.83 -3.46 -16.79
C TYR B 123 -40.25 -2.15 -16.13
N PHE B 124 -41.30 -2.21 -15.30
CA PHE B 124 -41.67 -1.10 -14.41
C PHE B 124 -41.62 -1.56 -12.96
N VAL B 125 -40.88 -0.83 -12.13
CA VAL B 125 -40.85 -1.11 -10.70
C VAL B 125 -42.24 -0.84 -10.12
N GLU B 126 -42.76 -1.83 -9.41
CA GLU B 126 -44.12 -1.75 -8.87
C GLU B 126 -44.27 -0.63 -7.86
N ALA B 127 -45.47 -0.06 -7.79
CA ALA B 127 -45.77 1.03 -6.86
C ALA B 127 -46.33 0.52 -5.53
N GLN B 128 -46.79 1.44 -4.69
CA GLN B 128 -47.32 1.11 -3.38
CA GLN B 128 -47.30 1.16 -3.35
C GLN B 128 -46.32 0.36 -2.53
N PRO B 129 -45.08 0.85 -2.44
CA PRO B 129 -44.06 0.10 -1.71
C PRO B 129 -44.13 0.28 -0.20
N LYS B 130 -43.48 -0.63 0.51
CA LYS B 130 -42.97 -0.35 1.84
C LYS B 130 -41.47 -0.21 1.71
N ILE B 131 -40.96 0.89 2.25
CA ILE B 131 -39.55 1.24 2.10
C ILE B 131 -38.90 1.28 3.47
N VAL B 132 -37.82 0.52 3.63
CA VAL B 132 -37.21 0.33 4.93
C VAL B 132 -35.72 0.58 4.89
N LEU B 133 -35.25 1.34 5.87
CA LEU B 133 -33.83 1.47 6.20
C LEU B 133 -33.56 0.69 7.47
N GLY B 134 -32.39 0.06 7.54
CA GLY B 134 -31.94 -0.64 8.73
C GLY B 134 -32.10 -2.15 8.65
N GLN B 135 -33.04 -2.60 7.84
CA GLN B 135 -33.32 -4.03 7.71
C GLN B 135 -33.66 -4.32 6.26
N GLU B 136 -33.48 -5.59 5.87
CA GLU B 136 -33.84 -6.11 4.55
C GLU B 136 -35.19 -6.84 4.70
N GLN B 137 -36.17 -6.43 3.91
CA GLN B 137 -37.50 -7.04 3.98
C GLN B 137 -37.55 -8.30 3.17
N ASP B 138 -38.22 -9.33 3.69
CA ASP B 138 -38.60 -10.48 2.88
C ASP B 138 -40.11 -10.63 2.75
N SER B 139 -40.86 -9.77 3.43
CA SER B 139 -42.29 -9.66 3.25
C SER B 139 -42.65 -8.20 2.97
N TYR B 140 -43.94 -7.91 2.87
CA TYR B 140 -44.38 -6.56 2.63
C TYR B 140 -44.36 -5.83 3.97
N GLY B 141 -43.20 -5.24 4.29
CA GLY B 141 -43.02 -4.49 5.52
C GLY B 141 -42.31 -5.23 6.64
N GLY B 142 -41.86 -6.45 6.42
CA GLY B 142 -41.25 -7.23 7.47
C GLY B 142 -40.42 -8.42 7.03
N LYS B 143 -40.39 -9.43 7.89
CA LYS B 143 -39.58 -10.63 7.72
C LYS B 143 -38.11 -10.27 7.54
N PHE B 144 -37.60 -9.61 8.58
CA PHE B 144 -36.23 -9.12 8.61
C PHE B 144 -35.23 -10.25 8.95
N ASP B 145 -33.94 -9.94 8.84
CA ASP B 145 -32.86 -10.90 9.03
C ASP B 145 -31.69 -10.14 9.67
N ARG B 146 -31.36 -10.41 10.93
CA ARG B 146 -30.31 -9.60 11.58
C ARG B 146 -28.97 -9.67 10.85
N SER B 147 -28.70 -10.75 10.10
CA SER B 147 -27.44 -10.89 9.39
CA SER B 147 -27.46 -10.90 9.37
C SER B 147 -27.39 -9.99 8.16
N GLN B 148 -28.50 -9.31 7.87
CA GLN B 148 -28.58 -8.36 6.75
C GLN B 148 -28.89 -6.96 7.26
N SER B 149 -28.98 -6.79 8.58
CA SER B 149 -29.31 -5.48 9.15
C SER B 149 -28.19 -4.48 8.93
N PHE B 150 -28.55 -3.21 8.82
CA PHE B 150 -27.57 -2.14 8.68
C PHE B 150 -27.28 -1.54 10.05
N VAL B 151 -26.02 -1.56 10.46
CA VAL B 151 -25.58 -0.93 11.70
C VAL B 151 -24.68 0.21 11.27
N GLY B 152 -24.98 1.41 11.75
CA GLY B 152 -24.23 2.59 11.37
C GLY B 152 -25.15 3.76 11.11
N GLU B 153 -24.75 4.65 10.19
CA GLU B 153 -25.41 5.94 10.03
C GLU B 153 -25.76 6.19 8.57
N ILE B 154 -26.96 6.71 8.35
CA ILE B 154 -27.41 7.09 7.02
C ILE B 154 -27.95 8.52 7.04
N GLY B 155 -27.57 9.30 6.04
CA GLY B 155 -28.05 10.67 5.91
C GLY B 155 -28.15 11.12 4.46
N ASP B 156 -28.68 12.33 4.25
CA ASP B 156 -28.70 12.97 2.94
C ASP B 156 -29.31 12.09 1.87
N LEU B 157 -30.48 11.51 2.17
CA LEU B 157 -31.15 10.60 1.25
C LEU B 157 -32.17 11.32 0.38
N TYR B 158 -32.07 11.04 -0.91
CA TYR B 158 -32.95 11.61 -1.93
C TYR B 158 -33.31 10.54 -2.93
N MET B 159 -34.55 10.57 -3.41
CA MET B 159 -34.95 9.70 -4.49
C MET B 159 -35.79 10.51 -5.48
N TRP B 160 -35.41 10.43 -6.76
CA TRP B 160 -36.03 11.16 -7.86
C TRP B 160 -36.64 10.16 -8.84
N ASP B 161 -37.70 10.55 -9.53
CA ASP B 161 -38.30 9.66 -10.51
C ASP B 161 -37.72 9.83 -11.92
N SER B 162 -36.44 10.14 -11.98
CA SER B 162 -35.73 10.29 -13.24
C SER B 162 -34.30 9.83 -13.07
N VAL B 163 -33.60 9.65 -14.18
CA VAL B 163 -32.19 9.32 -14.16
C VAL B 163 -31.38 10.61 -14.15
N LEU B 164 -30.67 10.87 -13.06
CA LEU B 164 -29.89 12.10 -12.97
C LEU B 164 -28.66 12.04 -13.86
N PRO B 165 -28.37 13.15 -14.56
CA PRO B 165 -27.10 13.25 -15.29
C PRO B 165 -25.94 13.46 -14.34
N PRO B 166 -24.70 13.24 -14.81
CA PRO B 166 -23.54 13.31 -13.94
C PRO B 166 -23.44 14.62 -13.14
N GLU B 167 -23.75 15.75 -13.77
CA GLU B 167 -23.65 17.02 -13.04
C GLU B 167 -24.57 17.05 -11.81
N ASN B 168 -25.75 16.44 -11.90
CA ASN B 168 -26.68 16.43 -10.77
C ASN B 168 -26.22 15.43 -9.69
N ILE B 169 -25.58 14.36 -10.12
CA ILE B 169 -24.97 13.40 -9.20
CA ILE B 169 -25.00 13.41 -9.18
C ILE B 169 -23.89 14.07 -8.38
N LEU B 170 -22.99 14.79 -9.06
CA LEU B 170 -21.90 15.46 -8.38
C LEU B 170 -22.44 16.54 -7.46
N SER B 171 -23.51 17.23 -7.87
CA SER B 171 -24.13 18.21 -6.99
C SER B 171 -24.64 17.56 -5.71
N ALA B 172 -25.26 16.39 -5.81
CA ALA B 172 -25.71 15.68 -4.62
C ALA B 172 -24.52 15.32 -3.74
N TYR B 173 -23.46 14.81 -4.35
CA TYR B 173 -22.26 14.41 -3.63
C TYR B 173 -21.61 15.56 -2.86
N GLN B 174 -21.41 16.68 -3.53
CA GLN B 174 -20.55 17.74 -3.03
C GLN B 174 -21.10 19.16 -3.21
N GLY B 175 -22.28 19.29 -3.79
CA GLY B 175 -22.93 20.58 -3.93
C GLY B 175 -24.34 20.61 -3.36
N THR B 176 -25.22 21.33 -4.02
CA THR B 176 -26.59 21.36 -3.56
C THR B 176 -27.34 20.30 -4.34
N PRO B 177 -27.86 19.26 -3.65
CA PRO B 177 -28.68 18.35 -4.45
C PRO B 177 -29.89 19.04 -5.04
N LEU B 178 -30.33 18.58 -6.20
CA LEU B 178 -31.59 19.02 -6.72
CA LEU B 178 -31.61 18.95 -6.77
C LEU B 178 -32.69 18.47 -5.83
N PRO B 179 -33.68 19.30 -5.50
CA PRO B 179 -34.81 18.78 -4.72
C PRO B 179 -35.42 17.56 -5.39
N ALA B 180 -35.87 16.60 -4.58
CA ALA B 180 -36.31 15.30 -5.08
C ALA B 180 -37.79 15.07 -4.82
N ASN B 181 -38.43 14.36 -5.73
CA ASN B 181 -39.88 14.23 -5.69
C ASN B 181 -40.46 12.91 -5.16
N ILE B 182 -39.61 11.90 -4.91
CA ILE B 182 -40.10 10.69 -4.27
C ILE B 182 -39.75 10.69 -2.78
N LEU B 183 -38.47 10.93 -2.49
CA LEU B 183 -37.99 11.08 -1.11
C LEU B 183 -37.00 12.24 -1.07
N ASP B 184 -37.10 13.07 -0.03
CA ASP B 184 -36.24 14.26 0.07
C ASP B 184 -35.88 14.54 1.53
N TRP B 185 -34.59 14.62 1.81
CA TRP B 185 -34.07 14.74 3.18
C TRP B 185 -34.52 16.01 3.90
N GLN B 186 -34.90 17.05 3.14
CA GLN B 186 -35.38 18.30 3.73
C GLN B 186 -36.88 18.25 4.05
N ALA B 187 -37.55 17.20 3.60
CA ALA B 187 -38.99 17.06 3.81
C ALA B 187 -39.37 15.60 3.83
N LEU B 188 -38.87 14.91 4.84
CA LEU B 188 -38.99 13.46 4.89
C LEU B 188 -40.10 13.05 5.85
N ASN B 189 -40.91 12.10 5.38
CA ASN B 189 -41.88 11.45 6.23
CA ASN B 189 -41.91 11.44 6.19
C ASN B 189 -41.40 10.05 6.57
N TYR B 190 -41.23 9.80 7.85
CA TYR B 190 -40.64 8.55 8.29
C TYR B 190 -41.25 8.08 9.61
N GLU B 191 -41.02 6.81 9.91
CA GLU B 191 -41.38 6.23 11.20
C GLU B 191 -40.19 5.48 11.77
N ILE B 192 -39.79 5.82 12.98
CA ILE B 192 -38.76 5.07 13.68
C ILE B 192 -39.40 3.92 14.43
N ARG B 193 -38.82 2.73 14.28
CA ARG B 193 -39.27 1.54 15.00
C ARG B 193 -38.06 0.90 15.70
N GLY B 194 -38.15 0.75 17.01
CA GLY B 194 -37.05 0.18 17.76
C GLY B 194 -35.98 1.21 18.03
N TYR B 195 -34.75 0.74 18.10
CA TYR B 195 -33.62 1.56 18.51
C TYR B 195 -32.96 2.22 17.30
N VAL B 196 -33.47 3.41 16.98
CA VAL B 196 -32.87 4.28 15.98
C VAL B 196 -32.86 5.68 16.59
N ILE B 197 -31.71 6.33 16.49
CA ILE B 197 -31.52 7.64 17.08
C ILE B 197 -31.13 8.65 16.00
N ILE B 198 -31.73 9.83 16.01
CA ILE B 198 -31.34 10.91 15.10
C ILE B 198 -30.25 11.75 15.75
N LYS B 199 -29.13 11.93 15.05
CA LYS B 199 -28.01 12.67 15.56
C LYS B 199 -27.48 13.62 14.49
N PRO B 200 -26.74 14.65 14.91
CA PRO B 200 -26.05 15.46 13.92
C PRO B 200 -25.09 14.63 13.08
N LEU B 201 -24.93 15.04 11.83
CA LEU B 201 -23.98 14.46 10.91
C LEU B 201 -22.62 15.09 11.18
N VAL B 202 -21.67 14.30 11.66
CA VAL B 202 -20.36 14.83 12.03
C VAL B 202 -19.21 14.36 11.13
N TRP B 203 -19.50 13.52 10.15
CA TRP B 203 -18.44 12.85 9.38
C TRP B 203 -18.30 13.27 7.94
N VAL B 204 -18.89 14.39 7.58
CA VAL B 204 -18.55 15.02 6.31
C VAL B 204 -17.67 16.25 6.58
N HIS C 1 -4.31 18.64 41.03
CA HIS C 1 -3.70 19.98 41.26
C HIS C 1 -2.25 20.01 40.79
N THR C 2 -1.87 19.03 39.96
CA THR C 2 -0.57 19.02 39.31
C THR C 2 -0.77 19.28 37.83
N ASP C 3 0.01 20.19 37.27
CA ASP C 3 -0.10 20.53 35.87
C ASP C 3 0.87 19.68 35.08
N LEU C 4 0.35 18.67 34.38
CA LEU C 4 1.20 17.77 33.59
C LEU C 4 1.34 18.17 32.12
N SER C 5 1.01 19.42 31.80
CA SER C 5 1.24 19.95 30.44
C SER C 5 2.63 19.59 29.93
N GLY C 6 2.69 19.05 28.72
CA GLY C 6 3.96 18.73 28.11
C GLY C 6 4.60 17.44 28.61
N LYS C 7 3.87 16.70 29.46
CA LYS C 7 4.39 15.47 30.07
C LYS C 7 3.45 14.29 29.85
N VAL C 8 4.01 13.09 29.97
CA VAL C 8 3.28 11.84 29.87
C VAL C 8 3.60 10.93 31.04
N PHE C 9 2.69 10.00 31.32
CA PHE C 9 3.03 8.82 32.13
C PHE C 9 3.62 7.77 31.20
N VAL C 10 4.78 7.24 31.59
CA VAL C 10 5.40 6.11 30.90
C VAL C 10 5.26 4.87 31.78
N PHE C 11 4.58 3.86 31.24
CA PHE C 11 4.44 2.53 31.84
C PHE C 11 5.46 1.68 31.10
N PRO C 12 6.69 1.57 31.62
CA PRO C 12 7.79 1.14 30.75
C PRO C 12 7.96 -0.37 30.59
N ARG C 13 7.13 -1.15 31.27
CA ARG C 13 7.24 -2.60 31.21
C ARG C 13 5.89 -3.27 31.42
N GLU C 14 5.80 -4.52 30.97
CA GLU C 14 4.65 -5.35 31.27
C GLU C 14 4.74 -5.82 32.72
N SER C 15 3.63 -5.76 33.43
CA SER C 15 3.57 -6.15 34.82
C SER C 15 2.12 -6.38 35.22
N VAL C 16 1.92 -6.86 36.43
CA VAL C 16 0.58 -6.94 37.00
C VAL C 16 0.45 -5.94 38.15
N THR C 17 1.46 -5.09 38.33
CA THR C 17 1.55 -4.20 39.48
C THR C 17 1.57 -2.71 39.14
N ASP C 18 2.20 -2.35 38.03
CA ASP C 18 2.45 -0.95 37.72
C ASP C 18 1.16 -0.25 37.30
N HIS C 19 0.83 0.88 37.93
CA HIS C 19 -0.38 1.59 37.57
C HIS C 19 -0.41 3.00 38.16
N VAL C 20 -1.33 3.79 37.64
CA VAL C 20 -1.62 5.11 38.20
C VAL C 20 -3.08 5.17 38.60
N ASN C 21 -3.35 5.62 39.82
CA ASN C 21 -4.72 5.91 40.23
C ASN C 21 -5.02 7.38 39.93
N LEU C 22 -6.13 7.61 39.25
CA LEU C 22 -6.59 8.97 39.01
C LEU C 22 -7.73 9.29 39.96
N ILE C 23 -7.63 10.43 40.63
CA ILE C 23 -8.57 10.78 41.69
C ILE C 23 -9.47 11.92 41.24
N THR C 24 -10.79 11.71 41.30
CA THR C 24 -11.72 12.73 40.81
C THR C 24 -12.67 13.24 41.88
N PRO C 25 -13.04 14.53 41.80
CA PRO C 25 -14.05 15.13 42.69
C PRO C 25 -15.49 14.72 42.37
N LEU C 26 -15.69 13.98 41.29
CA LEU C 26 -16.99 13.41 40.94
C LEU C 26 -17.62 12.66 42.12
N GLU C 27 -18.89 12.96 42.41
CA GLU C 27 -19.64 12.28 43.47
C GLU C 27 -21.07 11.86 43.06
N LYS C 28 -21.58 12.41 41.96
CA LYS C 28 -22.90 12.05 41.47
C LYS C 28 -22.78 11.11 40.29
N PRO C 29 -23.77 10.20 40.13
CA PRO C 29 -23.75 9.32 38.96
C PRO C 29 -23.67 10.11 37.67
N LEU C 30 -23.07 9.48 36.66
CA LEU C 30 -22.76 10.11 35.40
C LEU C 30 -23.80 9.73 34.35
N GLN C 31 -24.49 10.72 33.79
CA GLN C 31 -25.39 10.50 32.67
C GLN C 31 -24.72 10.72 31.32
N ASN C 32 -23.76 11.65 31.28
CA ASN C 32 -23.07 12.05 30.06
C ASN C 32 -21.59 12.20 30.38
N PHE C 33 -20.73 11.80 29.47
CA PHE C 33 -19.31 12.11 29.62
C PHE C 33 -18.59 12.12 28.30
N THR C 34 -17.42 12.74 28.32
CA THR C 34 -16.44 12.63 27.25
C THR C 34 -15.09 12.45 27.90
N LEU C 35 -14.29 11.56 27.33
CA LEU C 35 -12.95 11.25 27.80
C LEU C 35 -12.01 11.32 26.60
N CYS C 36 -10.97 12.15 26.67
CA CYS C 36 -9.95 12.27 25.62
C CYS C 36 -8.57 12.01 26.23
N PHE C 37 -7.67 11.38 25.48
CA PHE C 37 -6.29 11.24 25.90
C PHE C 37 -5.45 10.88 24.70
N ARG C 38 -4.14 10.98 24.83
CA ARG C 38 -3.20 10.61 23.81
C ARG C 38 -2.44 9.40 24.31
N ALA C 39 -2.22 8.43 23.42
CA ALA C 39 -1.50 7.23 23.81
C ALA C 39 -0.52 6.81 22.75
N TYR C 40 0.54 6.12 23.17
CA TYR C 40 1.52 5.60 22.25
C TYR C 40 2.00 4.27 22.82
N SER C 41 1.68 3.19 22.11
CA SER C 41 2.03 1.84 22.55
C SER C 41 2.32 0.98 21.34
N ASP C 42 3.26 0.06 21.47
CA ASP C 42 3.53 -0.90 20.40
C ASP C 42 3.12 -2.33 20.77
N LEU C 43 2.20 -2.45 21.73
CA LEU C 43 1.58 -3.74 22.01
C LEU C 43 0.62 -4.12 20.89
N SER C 44 0.64 -5.38 20.49
CA SER C 44 -0.34 -5.87 19.53
CA SER C 44 -0.30 -5.95 19.52
C SER C 44 -1.45 -6.67 20.21
N ARG C 45 -1.19 -7.19 21.42
CA ARG C 45 -2.20 -7.86 22.20
C ARG C 45 -3.22 -6.84 22.74
N ALA C 46 -4.31 -7.37 23.31
CA ALA C 46 -5.33 -6.51 23.89
C ALA C 46 -4.80 -5.82 25.15
N TYR C 47 -5.35 -4.66 25.46
CA TYR C 47 -5.02 -3.96 26.68
C TYR C 47 -6.04 -2.91 27.05
N SER C 48 -6.09 -2.61 28.34
CA SER C 48 -6.93 -1.55 28.86
C SER C 48 -6.26 -0.18 28.74
N LEU C 49 -7.00 0.80 28.23
CA LEU C 49 -6.53 2.19 28.19
C LEU C 49 -7.01 3.00 29.40
N PHE C 50 -8.24 2.74 29.86
CA PHE C 50 -8.84 3.53 30.94
C PHE C 50 -9.87 2.66 31.64
N SER C 51 -9.63 2.39 32.92
CA SER C 51 -10.44 1.44 33.69
C SER C 51 -11.11 2.13 34.87
N TYR C 52 -12.44 2.18 34.85
CA TYR C 52 -13.25 2.88 35.85
C TYR C 52 -14.23 1.85 36.43
N ASN C 53 -14.00 1.51 37.68
CA ASN C 53 -14.80 0.50 38.39
C ASN C 53 -15.45 1.16 39.61
N THR C 54 -16.60 0.66 40.03
CA THR C 54 -17.26 1.19 41.22
C THR C 54 -17.56 0.02 42.15
N GLN C 55 -17.96 0.31 43.39
CA GLN C 55 -18.17 -0.74 44.36
C GLN C 55 -19.18 -1.75 43.85
N GLY C 56 -18.76 -3.00 43.76
CA GLY C 56 -19.60 -4.08 43.27
C GLY C 56 -19.81 -4.12 41.77
N ARG C 57 -19.12 -3.25 41.02
CA ARG C 57 -19.35 -3.19 39.58
C ARG C 57 -18.06 -3.15 38.77
N ASP C 58 -17.78 -4.26 38.10
CA ASP C 58 -16.65 -4.35 37.19
C ASP C 58 -17.02 -3.76 35.83
N ASN C 59 -16.03 -3.23 35.13
CA ASN C 59 -16.24 -2.69 33.78
C ASN C 59 -17.39 -1.68 33.73
N GLU C 60 -17.42 -0.79 34.73
CA GLU C 60 -18.48 0.19 34.80
C GLU C 60 -18.30 1.22 33.69
N LEU C 61 -17.04 1.60 33.44
CA LEU C 61 -16.69 2.44 32.31
C LEU C 61 -15.27 2.03 31.93
N LEU C 62 -15.11 1.38 30.78
CA LEU C 62 -13.82 0.83 30.38
C LEU C 62 -13.55 1.09 28.91
N VAL C 63 -12.38 1.65 28.63
CA VAL C 63 -11.93 1.85 27.26
C VAL C 63 -10.84 0.81 27.02
N TYR C 64 -11.10 -0.08 26.08
CA TYR C 64 -10.30 -1.29 25.89
C TYR C 64 -9.94 -1.43 24.44
N LYS C 65 -8.67 -1.74 24.19
CA LYS C 65 -8.16 -1.92 22.83
C LYS C 65 -8.02 -3.41 22.57
N GLU C 66 -8.95 -3.93 21.79
CA GLU C 66 -9.03 -5.34 21.40
C GLU C 66 -7.83 -5.81 20.59
N ARG C 67 -7.48 -5.01 19.60
CA ARG C 67 -6.47 -5.32 18.61
C ARG C 67 -6.33 -4.06 17.77
N VAL C 68 -5.33 -4.01 16.92
CA VAL C 68 -5.10 -2.84 16.07
C VAL C 68 -6.36 -2.54 15.27
N GLY C 69 -6.74 -1.27 15.27
CA GLY C 69 -7.87 -0.80 14.48
C GLY C 69 -9.23 -0.99 15.12
N GLU C 70 -9.27 -1.43 16.37
CA GLU C 70 -10.55 -1.70 17.03
C GLU C 70 -10.57 -1.18 18.45
N TYR C 71 -11.50 -0.26 18.68
CA TYR C 71 -11.67 0.38 19.99
C TYR C 71 -13.00 -0.01 20.62
N SER C 72 -12.97 -0.42 21.90
CA SER C 72 -14.19 -0.81 22.62
C SER C 72 -14.46 0.08 23.80
N LEU C 73 -15.75 0.32 24.03
CA LEU C 73 -16.20 0.99 25.24
C LEU C 73 -17.15 0.06 25.96
N TYR C 74 -16.89 -0.14 27.24
CA TYR C 74 -17.85 -0.82 28.13
C TYR C 74 -18.54 0.23 29.00
N ILE C 75 -19.86 0.12 29.09
CA ILE C 75 -20.66 0.86 30.06
C ILE C 75 -21.49 -0.18 30.84
N GLY C 76 -21.30 -0.21 32.15
CA GLY C 76 -22.06 -1.15 32.98
C GLY C 76 -21.97 -2.57 32.47
N ARG C 77 -20.77 -2.96 32.06
CA ARG C 77 -20.46 -4.32 31.60
C ARG C 77 -20.94 -4.65 30.18
N HIS C 78 -21.73 -3.76 29.57
CA HIS C 78 -22.11 -3.93 28.17
C HIS C 78 -21.02 -3.29 27.32
N LYS C 79 -20.89 -3.72 26.08
CA LYS C 79 -19.78 -3.32 25.23
C LYS C 79 -20.22 -2.90 23.83
N VAL C 80 -19.56 -1.88 23.28
CA VAL C 80 -19.61 -1.61 21.87
C VAL C 80 -18.18 -1.51 21.35
N THR C 81 -18.02 -1.74 20.06
CA THR C 81 -16.72 -1.70 19.43
C THR C 81 -16.86 -1.00 18.07
N SER C 82 -15.91 -0.11 17.77
CA SER C 82 -15.86 0.50 16.45
C SER C 82 -14.47 0.42 15.85
N LYS C 83 -14.43 0.39 14.53
CA LYS C 83 -13.20 0.12 13.78
C LYS C 83 -12.66 1.37 13.12
N VAL C 84 -11.37 1.40 12.88
CA VAL C 84 -10.73 2.51 12.21
C VAL C 84 -9.47 2.03 11.49
N ILE C 85 -9.15 2.69 10.38
CA ILE C 85 -7.86 2.51 9.73
C ILE C 85 -6.81 3.29 10.51
N GLU C 86 -5.80 2.60 11.05
CA GLU C 86 -4.71 3.30 11.75
C GLU C 86 -3.38 2.60 11.48
N LYS C 87 -2.31 3.36 11.56
CA LYS C 87 -0.98 2.79 11.42
C LYS C 87 -0.57 2.13 12.72
N PHE C 88 0.30 1.13 12.62
CA PHE C 88 0.82 0.46 13.80
C PHE C 88 2.31 0.20 13.68
N PRO C 89 3.09 0.60 14.70
CA PRO C 89 2.71 1.42 15.87
C PRO C 89 2.62 2.88 15.50
N ALA C 90 1.82 3.63 16.24
CA ALA C 90 1.71 5.06 16.00
C ALA C 90 1.03 5.75 17.18
N PRO C 91 1.46 6.99 17.47
CA PRO C 91 0.73 7.77 18.45
C PRO C 91 -0.70 7.95 18.00
N VAL C 92 -1.61 8.02 18.96
CA VAL C 92 -3.02 8.21 18.67
C VAL C 92 -3.62 9.18 19.69
N HIS C 93 -4.57 9.97 19.22
CA HIS C 93 -5.43 10.76 20.08
C HIS C 93 -6.80 10.13 20.05
N ILE C 94 -7.33 9.81 21.23
CA ILE C 94 -8.59 9.10 21.36
C ILE C 94 -9.56 9.91 22.18
N CYS C 95 -10.77 10.11 21.67
CA CYS C 95 -11.86 10.65 22.49
C CYS C 95 -13.02 9.70 22.38
N VAL C 96 -13.76 9.59 23.48
CA VAL C 96 -14.99 8.85 23.45
C VAL C 96 -16.00 9.52 24.34
N SER C 97 -17.22 9.67 23.82
CA SER C 97 -18.31 10.22 24.61
C SER C 97 -19.45 9.22 24.68
N TRP C 98 -20.26 9.36 25.71
CA TRP C 98 -21.45 8.53 25.87
C TRP C 98 -22.53 9.35 26.54
N GLU C 99 -23.76 9.13 26.10
CA GLU C 99 -24.93 9.92 26.49
C GLU C 99 -26.02 8.94 26.90
N SER C 100 -26.40 8.94 28.17
CA SER C 100 -27.39 7.98 28.66
C SER C 100 -28.72 8.09 27.93
N SER C 101 -29.15 9.31 27.62
CA SER C 101 -30.50 9.49 27.11
C SER C 101 -30.73 8.72 25.81
N SER C 102 -29.69 8.63 24.97
CA SER C 102 -29.77 7.97 23.69
C SER C 102 -29.02 6.65 23.68
N GLY C 103 -28.10 6.47 24.63
CA GLY C 103 -27.18 5.35 24.65
C GLY C 103 -26.01 5.46 23.68
N ILE C 104 -25.93 6.58 22.96
CA ILE C 104 -24.93 6.70 21.90
C ILE C 104 -23.50 6.93 22.43
N ALA C 105 -22.59 6.10 21.95
CA ALA C 105 -21.15 6.24 22.14
C ALA C 105 -20.51 6.71 20.85
N GLU C 106 -19.69 7.76 20.95
CA GLU C 106 -18.99 8.37 19.82
CA GLU C 106 -19.01 8.34 19.80
C GLU C 106 -17.50 8.32 20.07
N PHE C 107 -16.77 7.48 19.32
CA PHE C 107 -15.30 7.47 19.33
C PHE C 107 -14.78 8.45 18.26
N TRP C 108 -13.70 9.15 18.61
CA TRP C 108 -12.95 9.99 17.69
C TRP C 108 -11.48 9.59 17.77
N ILE C 109 -10.89 9.26 16.63
CA ILE C 109 -9.50 8.85 16.56
C ILE C 109 -8.74 9.85 15.69
N ASN C 110 -7.74 10.52 16.28
CA ASN C 110 -7.01 11.59 15.59
C ASN C 110 -7.93 12.61 14.93
N GLY C 111 -8.97 12.99 15.67
CA GLY C 111 -9.89 14.00 15.21
C GLY C 111 -10.86 13.54 14.15
N THR C 112 -10.92 12.23 13.91
CA THR C 112 -11.86 11.72 12.93
CA THR C 112 -11.79 11.64 12.90
C THR C 112 -12.87 10.80 13.61
N PRO C 113 -14.16 11.03 13.31
CA PRO C 113 -15.21 10.28 14.01
C PRO C 113 -15.34 8.86 13.48
N LEU C 114 -15.48 7.92 14.41
CA LEU C 114 -15.81 6.54 14.07
C LEU C 114 -17.34 6.40 13.96
N VAL C 115 -17.79 5.25 13.49
CA VAL C 115 -19.23 5.00 13.42
C VAL C 115 -19.79 4.96 14.83
N LYS C 116 -20.88 5.69 15.06
CA LYS C 116 -21.55 5.66 16.37
C LYS C 116 -22.17 4.28 16.65
N LYS C 117 -22.14 3.89 17.91
CA LYS C 117 -22.80 2.67 18.39
C LYS C 117 -23.61 3.05 19.61
N GLY C 118 -24.41 2.13 20.13
CA GLY C 118 -25.26 2.47 21.25
C GLY C 118 -25.39 1.36 22.26
N LEU C 119 -25.41 1.73 23.54
CA LEU C 119 -25.53 0.78 24.63
C LEU C 119 -26.06 1.48 25.88
N ARG C 120 -26.74 0.70 26.72
CA ARG C 120 -27.14 1.15 28.04
C ARG C 120 -27.96 2.44 28.05
N GLN C 121 -28.85 2.61 27.06
CA GLN C 121 -29.75 3.75 27.07
C GLN C 121 -30.51 3.77 28.40
N GLY C 122 -30.50 4.93 29.07
CA GLY C 122 -31.22 5.11 30.32
C GLY C 122 -30.42 4.81 31.57
N TYR C 123 -29.24 4.22 31.40
CA TYR C 123 -28.37 3.84 32.51
C TYR C 123 -27.62 5.05 33.08
N PHE C 124 -27.30 4.98 34.37
CA PHE C 124 -26.43 5.94 35.01
CA PHE C 124 -26.43 5.94 35.01
C PHE C 124 -25.13 5.26 35.42
N VAL C 125 -24.01 5.79 34.95
CA VAL C 125 -22.73 5.26 35.37
C VAL C 125 -22.54 5.65 36.83
N GLU C 126 -22.19 4.69 37.67
CA GLU C 126 -22.13 4.95 39.10
C GLU C 126 -20.97 5.86 39.49
N ALA C 127 -21.11 6.47 40.66
CA ALA C 127 -20.15 7.44 41.16
C ALA C 127 -19.16 6.76 42.10
N GLN C 128 -18.31 7.56 42.74
CA GLN C 128 -17.25 7.09 43.64
C GLN C 128 -16.42 5.99 43.00
N PRO C 129 -15.85 6.28 41.82
CA PRO C 129 -15.09 5.23 41.14
C PRO C 129 -13.66 5.11 41.64
N LYS C 130 -13.04 3.98 41.33
CA LYS C 130 -11.60 3.89 41.29
C LYS C 130 -11.24 3.88 39.82
N ILE C 131 -10.33 4.77 39.45
CA ILE C 131 -9.96 4.98 38.05
C ILE C 131 -8.47 4.65 37.95
N VAL C 132 -8.14 3.73 37.05
CA VAL C 132 -6.78 3.24 36.92
C VAL C 132 -6.29 3.32 35.47
N LEU C 133 -5.06 3.84 35.32
CA LEU C 133 -4.31 3.71 34.07
C LEU C 133 -3.22 2.66 34.27
N GLY C 134 -2.94 1.87 33.24
CA GLY C 134 -1.84 0.92 33.30
C GLY C 134 -2.27 -0.52 33.51
N GLN C 135 -3.42 -0.70 34.15
CA GLN C 135 -3.97 -2.02 34.41
C GLN C 135 -5.48 -2.00 34.24
N GLU C 136 -6.04 -3.17 33.98
CA GLU C 136 -7.48 -3.36 33.92
C GLU C 136 -7.94 -3.90 35.27
N GLN C 137 -8.86 -3.21 35.92
CA GLN C 137 -9.38 -3.67 37.23
C GLN C 137 -10.42 -4.75 37.06
N ASP C 138 -10.39 -5.77 37.93
CA ASP C 138 -11.52 -6.69 38.07
C ASP C 138 -12.17 -6.57 39.44
N SER C 139 -11.59 -5.75 40.31
CA SER C 139 -12.20 -5.44 41.61
C SER C 139 -12.29 -3.93 41.77
N TYR C 140 -12.74 -3.47 42.93
CA TYR C 140 -12.80 -2.04 43.20
C TYR C 140 -11.40 -1.60 43.60
N GLY C 141 -10.59 -1.28 42.60
CA GLY C 141 -9.23 -0.84 42.84
C GLY C 141 -8.13 -1.83 42.52
N GLY C 142 -8.48 -3.06 42.14
CA GLY C 142 -7.46 -4.08 41.96
C GLY C 142 -7.84 -5.25 41.07
N LYS C 143 -7.28 -6.41 41.41
CA LYS C 143 -7.42 -7.63 40.62
C LYS C 143 -7.02 -7.41 39.19
N PHE C 144 -5.77 -7.02 39.00
CA PHE C 144 -5.19 -6.74 37.69
C PHE C 144 -4.84 -8.04 36.96
N ASP C 145 -4.54 -7.88 35.67
CA ASP C 145 -4.23 -9.00 34.77
C ASP C 145 -3.09 -8.58 33.85
N ARG C 146 -1.95 -9.26 33.99
CA ARG C 146 -0.76 -8.90 33.24
C ARG C 146 -1.01 -8.83 31.73
N SER C 147 -1.87 -9.72 31.23
CA SER C 147 -2.15 -9.81 29.81
C SER C 147 -3.06 -8.68 29.30
N GLN C 148 -3.53 -7.84 30.22
CA GLN C 148 -4.33 -6.66 29.87
C GLN C 148 -3.63 -5.34 30.23
N SER C 149 -2.40 -5.43 30.72
CA SER C 149 -1.66 -4.26 31.16
C SER C 149 -1.29 -3.38 29.96
N PHE C 150 -1.26 -2.08 30.22
CA PHE C 150 -0.83 -1.11 29.22
C PHE C 150 0.65 -0.81 29.38
N VAL C 151 1.40 -1.00 28.30
CA VAL C 151 2.81 -0.66 28.23
C VAL C 151 2.95 0.43 27.18
N GLY C 152 3.57 1.54 27.56
CA GLY C 152 3.68 2.68 26.67
C GLY C 152 3.41 3.97 27.39
N GLU C 153 2.92 4.97 26.66
CA GLU C 153 2.84 6.34 27.16
C GLU C 153 1.44 6.86 27.02
N ILE C 154 0.99 7.58 28.05
CA ILE C 154 -0.33 8.23 28.02
C ILE C 154 -0.17 9.65 28.54
N GLY C 155 -0.78 10.59 27.82
CA GLY C 155 -0.79 11.98 28.23
C GLY C 155 -2.04 12.71 27.79
N ASP C 156 -2.10 13.98 28.13
CA ASP C 156 -3.19 14.86 27.67
C ASP C 156 -4.57 14.27 27.95
N LEU C 157 -4.76 13.74 29.15
CA LEU C 157 -6.02 13.12 29.51
C LEU C 157 -6.98 14.13 30.15
N TYR C 158 -8.21 14.16 29.64
CA TYR C 158 -9.25 15.05 30.11
C TYR C 158 -10.55 14.28 30.14
N MET C 159 -11.37 14.52 31.16
CA MET C 159 -12.70 13.93 31.21
C MET C 159 -13.71 14.98 31.66
N TRP C 160 -14.78 15.12 30.89
CA TRP C 160 -15.83 16.10 31.11
C TRP C 160 -17.14 15.36 31.40
N ASP C 161 -18.02 15.98 32.19
CA ASP C 161 -19.34 15.39 32.49
C ASP C 161 -20.43 15.78 31.49
N SER C 162 -20.01 16.04 30.26
CA SER C 162 -20.92 16.36 29.16
C SER C 162 -20.42 15.73 27.86
N VAL C 163 -21.27 15.71 26.85
CA VAL C 163 -20.91 15.21 25.53
C VAL C 163 -20.36 16.38 24.71
N LEU C 164 -19.08 16.33 24.40
CA LEU C 164 -18.47 17.43 23.67
CA LEU C 164 -18.46 17.41 23.65
C LEU C 164 -18.89 17.43 22.21
N PRO C 165 -19.19 18.61 21.67
CA PRO C 165 -19.44 18.72 20.23
C PRO C 165 -18.13 18.59 19.45
N PRO C 166 -18.21 18.36 18.13
CA PRO C 166 -17.01 18.15 17.33
C PRO C 166 -15.94 19.22 17.49
N GLU C 167 -16.33 20.49 17.54
CA GLU C 167 -15.35 21.56 17.62
C GLU C 167 -14.47 21.43 18.85
N ASN C 168 -15.07 20.99 19.97
CA ASN C 168 -14.34 20.86 21.23
C ASN C 168 -13.43 19.61 21.22
N ILE C 169 -13.87 18.55 20.57
CA ILE C 169 -13.04 17.37 20.34
CA ILE C 169 -13.01 17.39 20.40
C ILE C 169 -11.79 17.76 19.55
N LEU C 170 -12.01 18.50 18.47
CA LEU C 170 -10.91 18.92 17.62
C LEU C 170 -9.95 19.84 18.36
N SER C 171 -10.49 20.71 19.20
CA SER C 171 -9.64 21.54 20.05
C SER C 171 -8.71 20.69 20.92
N ALA C 172 -9.26 19.65 21.55
CA ALA C 172 -8.44 18.77 22.38
C ALA C 172 -7.37 18.07 21.53
N TYR C 173 -7.78 17.53 20.39
CA TYR C 173 -6.84 16.89 19.48
C TYR C 173 -5.68 17.85 19.12
N GLN C 174 -6.02 19.10 18.83
CA GLN C 174 -5.03 20.09 18.38
C GLN C 174 -4.19 20.69 19.52
N GLY C 175 -4.51 20.33 20.76
CA GLY C 175 -3.72 20.78 21.91
C GLY C 175 -4.24 21.99 22.66
N THR C 176 -5.49 22.38 22.39
CA THR C 176 -6.16 23.44 23.16
C THR C 176 -7.49 22.96 23.76
N PRO C 177 -7.43 21.93 24.61
CA PRO C 177 -8.63 21.36 25.21
C PRO C 177 -9.35 22.36 26.11
N LEU C 178 -10.67 22.26 26.17
CA LEU C 178 -11.43 23.03 27.15
C LEU C 178 -11.14 22.48 28.55
N PRO C 179 -11.20 23.34 29.57
CA PRO C 179 -11.04 22.79 30.92
C PRO C 179 -12.07 21.71 31.21
N ALA C 180 -11.66 20.70 31.98
CA ALA C 180 -12.47 19.49 32.18
C ALA C 180 -12.77 19.23 33.65
N ASN C 181 -14.03 18.95 33.95
CA ASN C 181 -14.47 18.94 35.34
C ASN C 181 -14.48 17.59 36.04
N ILE C 182 -14.13 16.50 35.36
CA ILE C 182 -13.97 15.23 36.05
C ILE C 182 -12.49 14.89 36.24
N LEU C 183 -11.72 14.96 35.17
CA LEU C 183 -10.27 14.80 35.23
C LEU C 183 -9.66 15.82 34.28
N ASP C 184 -8.54 16.42 34.67
CA ASP C 184 -7.91 17.45 33.86
C ASP C 184 -6.38 17.36 33.99
N TRP C 185 -5.74 17.10 32.87
CA TRP C 185 -4.28 16.91 32.82
C TRP C 185 -3.52 18.10 33.38
N GLN C 186 -4.13 19.29 33.34
CA GLN C 186 -3.48 20.51 33.83
C GLN C 186 -3.76 20.76 35.30
N ALA C 187 -4.59 19.91 35.90
CA ALA C 187 -4.89 19.99 37.32
C ALA C 187 -5.25 18.61 37.84
N LEU C 188 -4.27 17.71 37.79
CA LEU C 188 -4.51 16.30 38.01
C LEU C 188 -4.08 15.83 39.39
N ASN C 189 -4.96 15.08 40.01
CA ASN C 189 -4.66 14.39 41.25
CA ASN C 189 -4.69 14.38 41.26
C ASN C 189 -4.46 12.91 40.95
N TYR C 190 -3.26 12.41 41.23
CA TYR C 190 -2.93 11.05 40.85
C TYR C 190 -2.00 10.42 41.88
N GLU C 191 -1.93 9.10 41.82
CA GLU C 191 -1.02 8.30 42.64
C GLU C 191 -0.30 7.32 41.73
N ILE C 192 1.03 7.41 41.69
CA ILE C 192 1.85 6.42 41.00
C ILE C 192 2.09 5.23 41.93
N ARG C 193 1.85 4.04 41.40
CA ARG C 193 2.12 2.81 42.13
C ARG C 193 3.01 1.90 41.27
N GLY C 194 4.15 1.50 41.79
CA GLY C 194 5.05 0.67 41.02
C GLY C 194 5.85 1.50 40.04
N TYR C 195 6.17 0.89 38.90
CA TYR C 195 7.10 1.48 37.95
C TYR C 195 6.36 2.28 36.89
N VAL C 196 6.14 3.55 37.19
CA VAL C 196 5.60 4.50 36.24
C VAL C 196 6.46 5.75 36.35
N ILE C 197 6.87 6.30 35.21
CA ILE C 197 7.79 7.43 35.16
C ILE C 197 7.13 8.58 34.41
N ILE C 198 7.24 9.79 34.95
CA ILE C 198 6.80 10.96 34.21
C ILE C 198 7.94 11.51 33.37
N LYS C 199 7.67 11.71 32.09
CA LYS C 199 8.64 12.22 31.14
C LYS C 199 8.02 13.28 30.25
N PRO C 200 8.87 14.09 29.61
CA PRO C 200 8.31 14.99 28.58
C PRO C 200 7.63 14.22 27.47
N LEU C 201 6.60 14.83 26.91
CA LEU C 201 5.92 14.30 25.73
C LEU C 201 6.73 14.70 24.50
N VAL C 202 7.33 13.73 23.81
CA VAL C 202 8.20 14.05 22.68
C VAL C 202 7.65 13.65 21.32
N TRP C 203 6.49 13.00 21.31
CA TRP C 203 5.96 12.40 20.09
C TRP C 203 4.75 13.10 19.47
N VAL C 204 4.49 14.33 19.90
CA VAL C 204 3.59 15.20 19.15
C VAL C 204 4.40 16.19 18.34
N HIS D 1 31.61 -0.32 -33.37
CA HIS D 1 31.59 0.75 -34.41
C HIS D 1 30.15 0.96 -34.89
N THR D 2 29.18 0.48 -34.11
CA THR D 2 27.78 0.76 -34.36
C THR D 2 27.25 1.64 -33.22
N ASP D 3 26.58 2.72 -33.59
CA ASP D 3 26.02 3.66 -32.63
C ASP D 3 24.55 3.31 -32.37
N LEU D 4 24.31 2.71 -31.21
CA LEU D 4 22.95 2.29 -30.86
C LEU D 4 22.21 3.31 -29.99
N SER D 5 22.70 4.54 -29.94
CA SER D 5 22.00 5.61 -29.22
C SER D 5 20.53 5.60 -29.55
N GLY D 6 19.70 5.64 -28.50
CA GLY D 6 18.26 5.67 -28.64
C GLY D 6 17.60 4.37 -29.08
N LYS D 7 18.38 3.29 -29.08
CA LYS D 7 17.87 1.99 -29.47
C LYS D 7 18.11 0.93 -28.38
N VAL D 8 17.38 -0.16 -28.48
CA VAL D 8 17.53 -1.30 -27.58
C VAL D 8 17.61 -2.59 -28.37
N PHE D 9 18.21 -3.61 -27.77
CA PHE D 9 18.02 -4.98 -28.24
C PHE D 9 16.72 -5.50 -27.60
N VAL D 10 15.81 -6.01 -28.44
CA VAL D 10 14.62 -6.70 -27.97
C VAL D 10 14.80 -8.20 -28.15
N PHE D 11 14.75 -8.95 -27.05
CA PHE D 11 14.71 -10.40 -27.05
C PHE D 11 13.24 -10.76 -26.87
N PRO D 12 12.53 -10.98 -27.99
CA PRO D 12 11.07 -10.95 -27.91
C PRO D 12 10.40 -12.24 -27.46
N ARG D 13 11.16 -13.29 -27.21
CA ARG D 13 10.59 -14.56 -26.81
C ARG D 13 11.55 -15.34 -25.93
N GLU D 14 11.00 -16.25 -25.15
CA GLU D 14 11.81 -17.24 -24.45
C GLU D 14 12.38 -18.27 -25.42
N SER D 15 13.64 -18.64 -25.22
CA SER D 15 14.32 -19.59 -26.10
C SER D 15 15.60 -20.03 -25.45
N VAL D 16 16.26 -21.01 -26.07
CA VAL D 16 17.59 -21.40 -25.65
C VAL D 16 18.62 -21.01 -26.74
N THR D 17 18.17 -20.26 -27.73
CA THR D 17 18.99 -19.92 -28.90
C THR D 17 19.28 -18.42 -29.06
N ASP D 18 18.29 -17.59 -28.75
CA ASP D 18 18.38 -16.18 -29.08
C ASP D 18 19.38 -15.47 -28.18
N HIS D 19 20.35 -14.80 -28.77
CA HIS D 19 21.34 -14.07 -27.99
C HIS D 19 22.10 -13.04 -28.80
N VAL D 20 22.82 -12.18 -28.10
CA VAL D 20 23.76 -11.26 -28.71
C VAL D 20 25.14 -11.46 -28.12
N ASN D 21 26.14 -11.63 -28.99
CA ASN D 21 27.53 -11.62 -28.55
C ASN D 21 28.06 -10.20 -28.58
N LEU D 22 28.71 -9.78 -27.49
CA LEU D 22 29.38 -8.50 -27.46
C LEU D 22 30.88 -8.72 -27.57
N ILE D 23 31.52 -7.95 -28.45
CA ILE D 23 32.93 -8.14 -28.79
C ILE D 23 33.74 -6.97 -28.26
N THR D 24 34.76 -7.26 -27.46
CA THR D 24 35.59 -6.20 -26.91
C THR D 24 37.07 -6.47 -27.15
N PRO D 25 37.85 -5.41 -27.39
CA PRO D 25 39.30 -5.57 -27.36
C PRO D 25 39.78 -5.70 -25.92
N LEU D 26 39.77 -6.92 -25.38
CA LEU D 26 40.25 -7.14 -24.03
C LEU D 26 41.21 -8.30 -23.93
N GLU D 27 42.49 -8.01 -23.73
CA GLU D 27 43.49 -9.06 -23.62
C GLU D 27 44.19 -9.03 -22.27
N LYS D 28 43.94 -8.00 -21.48
CA LYS D 28 44.52 -7.91 -20.14
C LYS D 28 43.46 -8.20 -19.09
N PRO D 29 43.82 -9.02 -18.09
CA PRO D 29 42.87 -9.29 -17.01
C PRO D 29 42.40 -8.00 -16.34
N LEU D 30 41.18 -8.05 -15.79
CA LEU D 30 40.56 -6.87 -15.19
C LEU D 30 40.69 -6.87 -13.69
N GLN D 31 41.24 -5.79 -13.16
CA GLN D 31 41.30 -5.58 -11.71
C GLN D 31 40.10 -4.77 -11.23
N ASN D 32 39.65 -3.84 -12.06
CA ASN D 32 38.54 -2.93 -11.75
C ASN D 32 37.60 -2.84 -12.92
N PHE D 33 36.29 -2.74 -12.66
CA PHE D 33 35.37 -2.42 -13.73
C PHE D 33 34.08 -1.82 -13.20
N THR D 34 33.36 -1.16 -14.10
CA THR D 34 31.99 -0.75 -13.88
C THR D 34 31.20 -1.16 -15.11
N LEU D 35 29.99 -1.64 -14.90
CA LEU D 35 29.09 -2.05 -15.96
C LEU D 35 27.75 -1.40 -15.70
N CYS D 36 27.23 -0.65 -16.67
CA CYS D 36 25.91 -0.04 -16.56
C CYS D 36 25.06 -0.44 -17.75
N PHE D 37 23.76 -0.60 -17.54
CA PHE D 37 22.82 -0.80 -18.65
C PHE D 37 21.40 -0.58 -18.16
N ARG D 38 20.49 -0.45 -19.11
CA ARG D 38 19.07 -0.29 -18.84
C ARG D 38 18.35 -1.54 -19.30
N ALA D 39 17.39 -2.02 -18.51
CA ALA D 39 16.66 -3.22 -18.88
C ALA D 39 15.18 -3.11 -18.57
N TYR D 40 14.37 -3.83 -19.32
CA TYR D 40 12.93 -3.86 -19.11
C TYR D 40 12.46 -5.26 -19.44
N SER D 41 12.00 -5.97 -18.40
CA SER D 41 11.54 -7.34 -18.53
C SER D 41 10.37 -7.59 -17.59
N ASP D 42 9.42 -8.42 -18.01
CA ASP D 42 8.36 -8.83 -17.09
C ASP D 42 8.42 -10.30 -16.67
N LEU D 43 9.61 -10.89 -16.78
CA LEU D 43 9.88 -12.20 -16.20
C LEU D 43 9.93 -12.11 -14.67
N SER D 44 9.33 -13.09 -14.00
CA SER D 44 9.40 -13.23 -12.55
CA SER D 44 9.46 -13.17 -12.56
C SER D 44 10.45 -14.25 -12.15
N ARG D 45 10.74 -15.19 -13.05
CA ARG D 45 11.76 -16.19 -12.80
C ARG D 45 13.13 -15.56 -12.88
N ALA D 46 14.15 -16.34 -12.51
CA ALA D 46 15.52 -15.84 -12.54
C ALA D 46 16.00 -15.73 -13.99
N TYR D 47 16.95 -14.84 -14.23
CA TYR D 47 17.55 -14.71 -15.55
C TYR D 47 18.89 -14.01 -15.51
N SER D 48 19.71 -14.29 -16.51
CA SER D 48 21.00 -13.63 -16.67
C SER D 48 20.82 -12.32 -17.42
N LEU D 49 21.44 -11.27 -16.89
CA LEU D 49 21.48 -9.97 -17.55
C LEU D 49 22.75 -9.77 -18.38
N PHE D 50 23.87 -10.25 -17.88
CA PHE D 50 25.17 -10.07 -18.54
C PHE D 50 26.07 -11.24 -18.17
N SER D 51 26.44 -12.04 -19.18
CA SER D 51 27.20 -13.28 -19.00
C SER D 51 28.59 -13.17 -19.65
N TYR D 52 29.62 -13.26 -18.82
CA TYR D 52 31.01 -13.11 -19.28
C TYR D 52 31.79 -14.33 -18.79
N ASN D 53 32.18 -15.18 -19.74
CA ASN D 53 32.91 -16.42 -19.47
C ASN D 53 34.25 -16.36 -20.18
N THR D 54 35.24 -17.06 -19.64
CA THR D 54 36.55 -17.16 -20.31
C THR D 54 36.89 -18.64 -20.47
N GLN D 55 37.96 -18.95 -21.22
CA GLN D 55 38.31 -20.34 -21.47
C GLN D 55 38.50 -21.10 -20.16
N GLY D 56 37.70 -22.15 -19.98
CA GLY D 56 37.76 -22.98 -18.78
C GLY D 56 37.20 -22.34 -17.52
N ARG D 57 36.49 -21.23 -17.68
CA ARG D 57 35.99 -20.48 -16.53
C ARG D 57 34.54 -20.05 -16.72
N ASP D 58 33.62 -20.80 -16.13
CA ASP D 58 32.20 -20.44 -16.12
C ASP D 58 31.98 -19.33 -15.10
N ASN D 59 31.00 -18.47 -15.33
CA ASN D 59 30.63 -17.44 -14.36
C ASN D 59 31.81 -16.60 -13.90
N GLU D 60 32.61 -16.16 -14.87
CA GLU D 60 33.78 -15.38 -14.54
C GLU D 60 33.38 -13.96 -14.13
N LEU D 61 32.37 -13.43 -14.82
CA LEU D 61 31.74 -12.17 -14.45
C LEU D 61 30.29 -12.31 -14.91
N LEU D 62 29.36 -12.37 -13.96
CA LEU D 62 27.96 -12.63 -14.30
C LEU D 62 27.05 -11.75 -13.46
N VAL D 63 26.13 -11.05 -14.14
CA VAL D 63 25.11 -10.28 -13.46
C VAL D 63 23.81 -11.02 -13.65
N TYR D 64 23.24 -11.47 -12.53
CA TYR D 64 22.13 -12.40 -12.53
C TYR D 64 21.01 -11.90 -11.64
N LYS D 65 19.79 -11.97 -12.14
CA LYS D 65 18.61 -11.51 -11.39
C LYS D 65 17.96 -12.74 -10.79
N GLU D 66 18.05 -12.85 -9.46
CA GLU D 66 17.52 -13.99 -8.72
C GLU D 66 15.99 -14.05 -8.72
N ARG D 67 15.40 -12.88 -8.50
CA ARG D 67 13.98 -12.70 -8.30
C ARG D 67 13.78 -11.21 -8.16
N VAL D 68 12.54 -10.76 -8.17
CA VAL D 68 12.27 -9.33 -8.03
C VAL D 68 12.96 -8.84 -6.77
N GLY D 69 13.67 -7.74 -6.91
CA GLY D 69 14.30 -7.08 -5.78
C GLY D 69 15.65 -7.62 -5.34
N GLU D 70 16.21 -8.56 -6.09
CA GLU D 70 17.48 -9.19 -5.70
C GLU D 70 18.42 -9.32 -6.88
N TYR D 71 19.55 -8.63 -6.80
CA TYR D 71 20.55 -8.61 -7.84
C TYR D 71 21.81 -9.30 -7.39
N SER D 72 22.34 -10.19 -8.22
CA SER D 72 23.59 -10.89 -7.91
C SER D 72 24.72 -10.57 -8.87
N LEU D 73 25.92 -10.51 -8.32
CA LEU D 73 27.14 -10.42 -9.10
C LEU D 73 28.00 -11.63 -8.79
N TYR D 74 28.39 -12.36 -9.83
CA TYR D 74 29.44 -13.37 -9.70
C TYR D 74 30.75 -12.81 -10.22
N ILE D 75 31.81 -13.00 -9.45
CA ILE D 75 33.18 -12.77 -9.89
C ILE D 75 33.93 -14.08 -9.68
N GLY D 76 34.45 -14.66 -10.76
CA GLY D 76 35.24 -15.87 -10.62
C GLY D 76 34.53 -16.97 -9.84
N ARG D 77 33.27 -17.19 -10.17
CA ARG D 77 32.42 -18.24 -9.59
C ARG D 77 31.97 -18.02 -8.14
N HIS D 78 32.42 -16.93 -7.51
CA HIS D 78 31.91 -16.54 -6.20
C HIS D 78 30.80 -15.55 -6.44
N LYS D 79 29.84 -15.46 -5.53
CA LYS D 79 28.73 -14.54 -5.73
C LYS D 79 28.41 -13.70 -4.50
N VAL D 80 27.90 -12.50 -4.77
CA VAL D 80 27.24 -11.67 -3.78
C VAL D 80 25.87 -11.24 -4.29
N THR D 81 24.98 -10.90 -3.38
CA THR D 81 23.62 -10.54 -3.74
C THR D 81 23.21 -9.37 -2.89
N SER D 82 22.58 -8.37 -3.49
CA SER D 82 22.03 -7.28 -2.70
C SER D 82 20.57 -7.00 -3.10
N LYS D 83 19.82 -6.48 -2.14
CA LYS D 83 18.38 -6.34 -2.27
C LYS D 83 18.00 -4.88 -2.45
N VAL D 84 16.84 -4.67 -3.09
CA VAL D 84 16.30 -3.34 -3.31
C VAL D 84 14.78 -3.41 -3.40
N ILE D 85 14.13 -2.34 -2.97
CA ILE D 85 12.70 -2.15 -3.19
C ILE D 85 12.54 -1.69 -4.62
N GLU D 86 11.83 -2.47 -5.42
CA GLU D 86 11.58 -2.05 -6.81
C GLU D 86 10.17 -2.47 -7.21
N LYS D 87 9.61 -1.75 -8.19
CA LYS D 87 8.31 -2.10 -8.76
C LYS D 87 8.48 -3.22 -9.77
N PHE D 88 7.41 -3.98 -9.96
CA PHE D 88 7.41 -5.04 -10.95
C PHE D 88 6.09 -5.10 -11.68
N PRO D 89 6.12 -5.09 -13.02
CA PRO D 89 7.27 -4.85 -13.90
C PRO D 89 7.61 -3.38 -13.98
N ALA D 90 8.86 -3.07 -14.26
CA ALA D 90 9.28 -1.70 -14.42
C ALA D 90 10.64 -1.62 -15.09
N PRO D 91 10.82 -0.61 -15.94
CA PRO D 91 12.17 -0.36 -16.46
C PRO D 91 13.14 -0.12 -15.32
N VAL D 92 14.38 -0.52 -15.52
CA VAL D 92 15.40 -0.33 -14.50
C VAL D 92 16.72 0.08 -15.15
N HIS D 93 17.46 0.90 -14.44
CA HIS D 93 18.84 1.19 -14.80
C HIS D 93 19.72 0.56 -13.74
N ILE D 94 20.70 -0.24 -14.18
CA ILE D 94 21.54 -1.02 -13.28
C ILE D 94 22.99 -0.68 -13.55
N CYS D 95 23.75 -0.37 -12.50
CA CYS D 95 25.21 -0.30 -12.61
C CYS D 95 25.76 -1.20 -11.55
N VAL D 96 26.88 -1.85 -11.84
CA VAL D 96 27.63 -2.57 -10.83
C VAL D 96 29.11 -2.38 -11.07
N SER D 97 29.86 -2.13 -10.00
CA SER D 97 31.29 -1.98 -10.08
C SER D 97 31.93 -3.00 -9.16
N TRP D 98 33.16 -3.36 -9.45
CA TRP D 98 33.94 -4.24 -8.60
C TRP D 98 35.39 -3.84 -8.67
N GLU D 99 36.05 -3.95 -7.52
CA GLU D 99 37.40 -3.45 -7.30
C GLU D 99 38.21 -4.58 -6.66
N SER D 100 39.22 -5.09 -7.35
CA SER D 100 39.97 -6.23 -6.82
C SER D 100 40.64 -5.94 -5.50
N SER D 101 41.21 -4.74 -5.38
CA SER D 101 42.04 -4.44 -4.22
C SER D 101 41.27 -4.55 -2.91
N SER D 102 39.99 -4.19 -2.93
CA SER D 102 39.15 -4.25 -1.73
C SER D 102 38.13 -5.38 -1.80
N GLY D 103 37.91 -5.91 -3.01
CA GLY D 103 36.86 -6.88 -3.28
C GLY D 103 35.45 -6.29 -3.31
N ILE D 104 35.33 -4.98 -3.15
CA ILE D 104 34.01 -4.37 -2.99
C ILE D 104 33.24 -4.32 -4.29
N ALA D 105 31.99 -4.81 -4.23
CA ALA D 105 31.00 -4.73 -5.30
C ALA D 105 29.93 -3.71 -4.93
N GLU D 106 29.66 -2.76 -5.83
CA GLU D 106 28.63 -1.74 -5.61
C GLU D 106 27.59 -1.85 -6.70
N PHE D 107 26.37 -2.22 -6.32
CA PHE D 107 25.21 -2.13 -7.22
C PHE D 107 24.53 -0.77 -7.03
N TRP D 108 24.08 -0.21 -8.15
CA TRP D 108 23.26 1.00 -8.15
C TRP D 108 22.04 0.72 -9.03
N ILE D 109 20.87 1.00 -8.48
CA ILE D 109 19.60 0.70 -9.13
C ILE D 109 18.84 2.01 -9.26
N ASN D 110 18.59 2.41 -10.50
CA ASN D 110 17.99 3.73 -10.77
C ASN D 110 18.68 4.86 -10.02
N GLY D 111 20.01 4.86 -10.02
CA GLY D 111 20.80 5.92 -9.39
C GLY D 111 20.85 5.86 -7.87
N THR D 112 20.30 4.79 -7.29
CA THR D 112 20.28 4.56 -5.84
C THR D 112 21.25 3.44 -5.47
N PRO D 113 22.17 3.70 -4.53
CA PRO D 113 23.14 2.68 -4.15
C PRO D 113 22.51 1.59 -3.28
N LEU D 114 22.82 0.34 -3.62
CA LEU D 114 22.51 -0.78 -2.75
C LEU D 114 23.61 -0.96 -1.70
N VAL D 115 23.37 -1.82 -0.74
CA VAL D 115 24.38 -2.11 0.25
C VAL D 115 25.58 -2.76 -0.42
N LYS D 116 26.76 -2.26 -0.11
CA LYS D 116 27.99 -2.82 -0.66
C LYS D 116 28.23 -4.23 -0.10
N LYS D 117 28.80 -5.09 -0.95
CA LYS D 117 29.21 -6.42 -0.56
C LYS D 117 30.64 -6.59 -1.04
N GLY D 118 31.28 -7.71 -0.71
CA GLY D 118 32.65 -7.92 -1.13
C GLY D 118 32.95 -9.36 -1.43
N LEU D 119 33.83 -9.58 -2.41
CA LEU D 119 34.19 -10.93 -2.83
C LEU D 119 35.48 -10.91 -3.64
N ARG D 120 36.22 -12.02 -3.58
CA ARG D 120 37.39 -12.24 -4.42
C ARG D 120 38.43 -11.11 -4.34
N GLN D 121 38.67 -10.58 -3.15
CA GLN D 121 39.68 -9.57 -2.97
C GLN D 121 41.02 -10.11 -3.50
N GLY D 122 41.66 -9.34 -4.37
CA GLY D 122 42.96 -9.72 -4.91
C GLY D 122 42.90 -10.53 -6.19
N TYR D 123 41.71 -10.98 -6.58
CA TYR D 123 41.51 -11.75 -7.80
C TYR D 123 41.55 -10.85 -9.04
N PHE D 124 41.97 -11.40 -10.17
CA PHE D 124 41.87 -10.71 -11.46
C PHE D 124 40.88 -11.45 -12.35
N VAL D 125 39.87 -10.73 -12.84
CA VAL D 125 38.95 -11.31 -13.81
C VAL D 125 39.71 -11.59 -15.10
N GLU D 126 39.58 -12.81 -15.60
CA GLU D 126 40.35 -13.24 -16.77
C GLU D 126 39.95 -12.49 -18.04
N ALA D 127 40.88 -12.41 -18.97
CA ALA D 127 40.67 -11.72 -20.25
C ALA D 127 40.19 -12.67 -21.35
N GLN D 128 40.15 -12.15 -22.58
CA GLN D 128 39.66 -12.88 -23.74
C GLN D 128 38.31 -13.54 -23.46
N PRO D 129 37.32 -12.73 -23.08
CA PRO D 129 36.01 -13.29 -22.73
C PRO D 129 35.14 -13.56 -23.94
N LYS D 130 34.16 -14.41 -23.74
CA LYS D 130 32.96 -14.39 -24.57
C LYS D 130 31.87 -13.73 -23.72
N ILE D 131 31.24 -12.70 -24.27
CA ILE D 131 30.23 -11.91 -23.56
C ILE D 131 28.88 -12.05 -24.26
N VAL D 132 27.87 -12.48 -23.52
CA VAL D 132 26.58 -12.80 -24.10
C VAL D 132 25.45 -12.07 -23.36
N LEU D 133 24.57 -11.44 -24.14
CA LEU D 133 23.28 -10.96 -23.66
C LEU D 133 22.18 -11.90 -24.12
N GLY D 134 21.16 -12.11 -23.29
CA GLY D 134 20.02 -12.91 -23.70
C GLY D 134 20.04 -14.33 -23.19
N GLN D 135 21.23 -14.84 -22.89
CA GLN D 135 21.38 -16.19 -22.37
C GLN D 135 22.51 -16.21 -21.36
N GLU D 136 22.50 -17.23 -20.51
CA GLU D 136 23.54 -17.44 -19.52
C GLU D 136 24.43 -18.54 -20.05
N GLN D 137 25.72 -18.26 -20.19
CA GLN D 137 26.69 -19.24 -20.69
C GLN D 137 27.10 -20.25 -19.62
N ASP D 138 27.21 -21.53 -20.00
CA ASP D 138 27.90 -22.52 -19.15
C ASP D 138 29.18 -23.06 -19.81
N SER D 139 29.41 -22.67 -21.06
CA SER D 139 30.67 -22.97 -21.73
C SER D 139 31.30 -21.67 -22.20
N TYR D 140 32.42 -21.77 -22.91
CA TYR D 140 33.05 -20.61 -23.52
C TYR D 140 32.27 -20.26 -24.78
N GLY D 141 31.20 -19.49 -24.60
CA GLY D 141 30.40 -19.02 -25.71
C GLY D 141 29.04 -19.69 -25.88
N GLY D 142 28.74 -20.70 -25.06
CA GLY D 142 27.52 -21.47 -25.26
C GLY D 142 27.00 -22.20 -24.04
N LYS D 143 26.36 -23.36 -24.29
CA LYS D 143 25.69 -24.14 -23.25
C LYS D 143 24.68 -23.31 -22.48
N PHE D 144 23.70 -22.81 -23.22
CA PHE D 144 22.65 -21.94 -22.67
C PHE D 144 21.56 -22.75 -21.95
N ASP D 145 20.70 -22.04 -21.21
CA ASP D 145 19.64 -22.65 -20.41
C ASP D 145 18.40 -21.80 -20.56
N ARG D 146 17.37 -22.36 -21.17
CA ARG D 146 16.13 -21.65 -21.42
C ARG D 146 15.56 -20.99 -20.16
N SER D 147 15.69 -21.66 -19.02
CA SER D 147 15.15 -21.16 -17.77
C SER D 147 15.95 -19.99 -17.20
N GLN D 148 17.06 -19.65 -17.85
CA GLN D 148 17.87 -18.50 -17.43
C GLN D 148 17.90 -17.43 -18.52
N SER D 149 17.15 -17.65 -19.59
CA SER D 149 17.16 -16.73 -20.73
C SER D 149 16.53 -15.40 -20.35
N PHE D 150 17.01 -14.33 -20.97
CA PHE D 150 16.43 -13.00 -20.79
C PHE D 150 15.44 -12.67 -21.90
N VAL D 151 14.22 -12.33 -21.52
CA VAL D 151 13.17 -11.93 -22.44
C VAL D 151 12.83 -10.49 -22.06
N GLY D 152 12.92 -9.58 -23.01
CA GLY D 152 12.68 -8.18 -22.75
C GLY D 152 13.66 -7.33 -23.54
N GLU D 153 13.98 -6.17 -22.99
CA GLU D 153 14.72 -5.14 -23.71
C GLU D 153 15.92 -4.71 -22.90
N ILE D 154 17.06 -4.53 -23.58
CA ILE D 154 18.28 -4.02 -22.96
C ILE D 154 18.86 -2.92 -23.83
N GLY D 155 19.26 -1.83 -23.19
CA GLY D 155 19.89 -0.74 -23.92
C GLY D 155 20.90 -0.02 -23.05
N ASP D 156 21.52 1.01 -23.62
CA ASP D 156 22.43 1.90 -22.90
C ASP D 156 23.47 1.12 -22.09
N LEU D 157 24.12 0.15 -22.74
CA LEU D 157 25.11 -0.66 -22.07
C LEU D 157 26.51 -0.10 -22.24
N TYR D 158 27.19 0.09 -21.11
CA TYR D 158 28.56 0.61 -21.08
C TYR D 158 29.37 -0.19 -20.08
N MET D 159 30.64 -0.41 -20.39
CA MET D 159 31.54 -1.05 -19.45
C MET D 159 32.86 -0.31 -19.46
N TRP D 160 33.32 0.04 -18.27
CA TRP D 160 34.58 0.76 -18.07
C TRP D 160 35.57 -0.10 -17.30
N ASP D 161 36.88 0.09 -17.52
CA ASP D 161 37.88 -0.67 -16.79
C ASP D 161 38.30 0.01 -15.49
N SER D 162 37.40 0.80 -14.91
CA SER D 162 37.62 1.47 -13.64
C SER D 162 36.34 1.46 -12.82
N VAL D 163 36.46 1.82 -11.55
CA VAL D 163 35.32 1.98 -10.65
C VAL D 163 34.81 3.41 -10.72
N LEU D 164 33.60 3.59 -11.24
CA LEU D 164 33.02 4.93 -11.38
C LEU D 164 32.60 5.51 -10.03
N PRO D 165 32.85 6.81 -9.82
CA PRO D 165 32.29 7.46 -8.64
C PRO D 165 30.83 7.76 -8.84
N PRO D 166 30.11 8.09 -7.75
CA PRO D 166 28.67 8.28 -7.82
C PRO D 166 28.19 9.26 -8.88
N GLU D 167 28.90 10.37 -9.08
CA GLU D 167 28.40 11.32 -10.06
C GLU D 167 28.37 10.73 -11.46
N ASN D 168 29.32 9.84 -11.78
CA ASN D 168 29.36 9.25 -13.13
C ASN D 168 28.33 8.15 -13.29
N ILE D 169 28.01 7.48 -12.19
CA ILE D 169 26.91 6.53 -12.22
CA ILE D 169 26.89 6.54 -12.18
C ILE D 169 25.60 7.28 -12.46
N LEU D 170 25.40 8.39 -11.76
CA LEU D 170 24.22 9.20 -11.94
C LEU D 170 24.14 9.75 -13.36
N SER D 171 25.29 10.16 -13.90
CA SER D 171 25.31 10.68 -15.27
C SER D 171 24.88 9.61 -16.27
N ALA D 172 25.34 8.37 -16.10
CA ALA D 172 24.89 7.27 -16.93
C ALA D 172 23.39 7.09 -16.80
N TYR D 173 22.88 7.07 -15.56
CA TYR D 173 21.46 6.95 -15.32
C TYR D 173 20.67 8.04 -16.04
N GLN D 174 21.21 9.26 -16.02
CA GLN D 174 20.57 10.44 -16.62
C GLN D 174 20.75 10.52 -18.14
N GLY D 175 21.54 9.62 -18.72
CA GLY D 175 21.69 9.57 -20.16
C GLY D 175 22.89 10.34 -20.71
N THR D 176 23.83 10.72 -19.84
CA THR D 176 25.08 11.32 -20.27
C THR D 176 26.28 10.59 -19.68
N PRO D 177 26.42 9.30 -20.04
CA PRO D 177 27.55 8.51 -19.53
C PRO D 177 28.92 9.02 -19.95
N LEU D 178 29.90 8.81 -19.09
CA LEU D 178 31.29 9.00 -19.46
C LEU D 178 31.64 8.04 -20.59
N PRO D 179 32.50 8.47 -21.52
CA PRO D 179 32.98 7.55 -22.55
C PRO D 179 33.54 6.26 -21.93
N ALA D 180 33.23 5.09 -22.51
CA ALA D 180 33.61 3.81 -21.93
C ALA D 180 34.57 3.04 -22.83
N ASN D 181 35.52 2.34 -22.21
CA ASN D 181 36.62 1.75 -22.95
C ASN D 181 36.63 0.23 -23.06
N ILE D 182 35.67 -0.46 -22.46
CA ILE D 182 35.55 -1.89 -22.67
C ILE D 182 34.39 -2.21 -23.59
N LEU D 183 33.22 -1.67 -23.26
CA LEU D 183 32.03 -1.78 -24.09
C LEU D 183 31.33 -0.42 -24.11
N ASP D 184 30.87 -0.02 -25.29
CA ASP D 184 30.25 1.29 -25.44
CA ASP D 184 30.32 1.32 -25.51
C ASP D 184 29.09 1.22 -26.42
N TRP D 185 27.93 1.62 -25.92
CA TRP D 185 26.66 1.51 -26.65
C TRP D 185 26.68 2.34 -27.95
N GLN D 186 27.51 3.39 -27.97
CA GLN D 186 27.59 4.27 -29.12
C GLN D 186 28.56 3.75 -30.16
N ALA D 187 29.44 2.85 -29.74
CA ALA D 187 30.43 2.25 -30.63
C ALA D 187 30.57 0.77 -30.29
N LEU D 188 29.51 0.02 -30.53
CA LEU D 188 29.40 -1.36 -30.11
C LEU D 188 29.68 -2.30 -31.26
N ASN D 189 30.52 -3.30 -31.00
CA ASN D 189 30.68 -4.43 -31.91
C ASN D 189 29.92 -5.62 -31.35
N TYR D 190 28.93 -6.09 -32.10
CA TYR D 190 28.06 -7.14 -31.62
C TYR D 190 27.67 -8.10 -32.74
N GLU D 191 27.17 -9.26 -32.34
CA GLU D 191 26.62 -10.24 -33.27
C GLU D 191 25.26 -10.68 -32.79
N ILE D 192 24.23 -10.43 -33.58
CA ILE D 192 22.92 -10.98 -33.27
C ILE D 192 22.83 -12.43 -33.74
N ARG D 193 22.37 -13.30 -32.85
CA ARG D 193 22.14 -14.70 -33.19
C ARG D 193 20.71 -15.08 -32.83
N GLY D 194 19.96 -15.57 -33.81
CA GLY D 194 18.59 -15.93 -33.57
C GLY D 194 17.67 -14.71 -33.57
N TYR D 195 16.60 -14.79 -32.78
CA TYR D 195 15.54 -13.79 -32.82
C TYR D 195 15.82 -12.66 -31.83
N VAL D 196 16.52 -11.64 -32.32
CA VAL D 196 16.76 -10.42 -31.55
C VAL D 196 16.54 -9.27 -32.51
N ILE D 197 15.79 -8.26 -32.07
CA ILE D 197 15.41 -7.17 -32.94
C ILE D 197 15.84 -5.85 -32.32
N ILE D 198 16.42 -4.97 -33.13
CA ILE D 198 16.77 -3.64 -32.67
C ILE D 198 15.61 -2.68 -32.91
N LYS D 199 15.19 -1.99 -31.84
CA LYS D 199 14.08 -1.06 -31.90
C LYS D 199 14.43 0.22 -31.16
N PRO D 200 13.70 1.30 -31.45
CA PRO D 200 13.85 2.50 -30.61
C PRO D 200 13.55 2.21 -29.15
N LEU D 201 14.26 2.88 -28.26
CA LEU D 201 13.98 2.89 -26.84
C LEU D 201 12.81 3.84 -26.57
N VAL D 202 11.67 3.30 -26.14
CA VAL D 202 10.48 4.14 -25.97
C VAL D 202 10.08 4.30 -24.51
N TRP D 203 10.83 3.68 -23.60
CA TRP D 203 10.42 3.60 -22.21
C TRP D 203 11.27 4.41 -21.23
N VAL D 204 12.05 5.35 -21.75
CA VAL D 204 12.63 6.37 -20.89
C VAL D 204 11.95 7.72 -21.14
N HIS E 1 -20.08 4.89 -40.67
CA HIS E 1 -20.54 6.28 -40.88
C HIS E 1 -21.45 6.77 -39.74
N THR E 2 -21.13 6.39 -38.51
CA THR E 2 -21.76 6.96 -37.33
C THR E 2 -20.63 7.49 -36.46
N ASP E 3 -20.80 8.70 -35.96
CA ASP E 3 -19.80 9.33 -35.10
C ASP E 3 -20.16 9.02 -33.66
N LEU E 4 -19.36 8.18 -33.01
CA LEU E 4 -19.63 7.80 -31.63
C LEU E 4 -18.78 8.58 -30.61
N SER E 5 -18.18 9.69 -31.06
CA SER E 5 -17.47 10.58 -30.17
C SER E 5 -18.30 10.84 -28.92
N GLY E 6 -17.67 10.70 -27.75
CA GLY E 6 -18.33 10.96 -26.49
C GLY E 6 -19.26 9.87 -26.01
N LYS E 7 -19.24 8.72 -26.69
CA LYS E 7 -20.17 7.62 -26.40
C LYS E 7 -19.43 6.29 -26.31
N VAL E 8 -20.05 5.34 -25.63
CA VAL E 8 -19.49 4.00 -25.48
C VAL E 8 -20.54 2.94 -25.84
N PHE E 9 -20.08 1.74 -26.21
CA PHE E 9 -20.94 0.57 -26.15
C PHE E 9 -20.91 0.03 -24.73
N VAL E 10 -22.10 -0.21 -24.18
CA VAL E 10 -22.23 -0.89 -22.90
C VAL E 10 -22.73 -2.32 -23.14
N PHE E 11 -21.94 -3.31 -22.73
CA PHE E 11 -22.34 -4.71 -22.72
C PHE E 11 -22.75 -4.98 -21.28
N PRO E 12 -24.06 -4.87 -20.99
CA PRO E 12 -24.40 -4.72 -19.57
C PRO E 12 -24.54 -6.02 -18.79
N ARG E 13 -24.36 -7.16 -19.45
CA ARG E 13 -24.51 -8.45 -18.77
C ARG E 13 -23.62 -9.50 -19.42
N GLU E 14 -23.35 -10.58 -18.69
CA GLU E 14 -22.70 -11.75 -19.25
C GLU E 14 -23.70 -12.53 -20.09
N SER E 15 -23.26 -13.02 -21.25
CA SER E 15 -24.12 -13.76 -22.16
C SER E 15 -23.25 -14.47 -23.17
N VAL E 16 -23.87 -15.29 -24.00
CA VAL E 16 -23.18 -15.86 -25.15
C VAL E 16 -23.73 -15.28 -26.45
N THR E 17 -24.60 -14.28 -26.34
CA THR E 17 -25.30 -13.70 -27.49
C THR E 17 -24.99 -12.24 -27.79
N ASP E 18 -24.69 -11.44 -26.76
CA ASP E 18 -24.61 -9.99 -26.93
C ASP E 18 -23.29 -9.60 -27.57
N HIS E 19 -23.32 -8.84 -28.66
CA HIS E 19 -22.11 -8.46 -29.35
C HIS E 19 -22.34 -7.35 -30.35
N VAL E 20 -21.25 -6.76 -30.80
CA VAL E 20 -21.28 -5.78 -31.87
C VAL E 20 -20.36 -6.24 -32.97
N ASN E 21 -20.86 -6.24 -34.20
CA ASN E 21 -20.00 -6.49 -35.35
C ASN E 21 -19.48 -5.16 -35.86
N LEU E 22 -18.16 -5.09 -36.12
CA LEU E 22 -17.57 -3.90 -36.71
C LEU E 22 -17.24 -4.20 -38.16
N ILE E 23 -17.63 -3.29 -39.04
CA ILE E 23 -17.51 -3.52 -40.48
C ILE E 23 -16.43 -2.64 -41.06
N THR E 24 -15.48 -3.27 -41.76
CA THR E 24 -14.44 -2.55 -42.46
C THR E 24 -14.31 -3.09 -43.87
N PRO E 25 -14.10 -2.20 -44.86
CA PRO E 25 -13.97 -2.59 -46.26
C PRO E 25 -12.55 -3.04 -46.59
N LEU E 26 -11.92 -3.78 -45.68
CA LEU E 26 -10.53 -4.17 -45.83
C LEU E 26 -10.42 -5.38 -46.73
N GLU E 27 -9.69 -5.24 -47.82
CA GLU E 27 -9.53 -6.34 -48.78
C GLU E 27 -8.08 -6.75 -49.03
N LYS E 28 -7.13 -5.97 -48.51
CA LYS E 28 -5.71 -6.33 -48.62
C LYS E 28 -5.19 -6.82 -47.27
N PRO E 29 -4.51 -7.97 -47.25
CA PRO E 29 -3.93 -8.47 -46.00
C PRO E 29 -3.05 -7.43 -45.32
N LEU E 30 -2.95 -7.53 -44.00
CA LEU E 30 -2.22 -6.55 -43.20
C LEU E 30 -0.84 -7.04 -42.84
N GLN E 31 0.14 -6.18 -43.07
CA GLN E 31 1.49 -6.45 -42.58
C GLN E 31 1.73 -5.71 -41.27
N ASN E 32 1.09 -4.56 -41.12
CA ASN E 32 1.24 -3.72 -39.93
C ASN E 32 -0.12 -3.29 -39.44
N PHE E 33 -0.28 -3.14 -38.13
CA PHE E 33 -1.47 -2.46 -37.63
C PHE E 33 -1.24 -1.89 -36.23
N THR E 34 -2.10 -0.95 -35.86
CA THR E 34 -2.22 -0.50 -34.48
C THR E 34 -3.71 -0.44 -34.17
N LEU E 35 -4.07 -0.86 -32.95
CA LEU E 35 -5.43 -0.79 -32.47
C LEU E 35 -5.41 -0.11 -31.12
N CYS E 36 -6.25 0.91 -30.94
CA CYS E 36 -6.38 1.59 -29.64
C CYS E 36 -7.86 1.63 -29.27
N PHE E 37 -8.14 1.54 -27.98
CA PHE E 37 -9.50 1.71 -27.47
C PHE E 37 -9.47 1.94 -25.96
N ARG E 38 -10.61 2.37 -25.43
CA ARG E 38 -10.75 2.64 -24.01
C ARG E 38 -11.74 1.62 -23.48
N ALA E 39 -11.48 1.05 -22.30
CA ALA E 39 -12.39 0.05 -21.74
C ALA E 39 -12.55 0.21 -20.23
N TYR E 40 -13.71 -0.21 -19.73
CA TYR E 40 -13.98 -0.16 -18.29
C TYR E 40 -14.78 -1.41 -17.97
N SER E 41 -14.16 -2.33 -17.24
CA SER E 41 -14.80 -3.58 -16.86
C SER E 41 -14.34 -3.97 -15.46
N ASP E 42 -15.24 -4.58 -14.69
CA ASP E 42 -14.89 -5.10 -13.38
C ASP E 42 -14.87 -6.65 -13.32
N LEU E 43 -14.76 -7.27 -14.49
CA LEU E 43 -14.53 -8.70 -14.58
C LEU E 43 -13.13 -9.04 -14.09
N SER E 44 -13.05 -10.09 -13.29
CA SER E 44 -11.75 -10.62 -12.90
CA SER E 44 -11.79 -10.68 -12.82
C SER E 44 -11.36 -11.85 -13.71
N ARG E 45 -12.33 -12.53 -14.32
CA ARG E 45 -12.01 -13.65 -15.19
C ARG E 45 -11.46 -13.12 -16.51
N ALA E 46 -11.00 -14.04 -17.35
CA ALA E 46 -10.48 -13.70 -18.66
C ALA E 46 -11.61 -13.26 -19.60
N TYR E 47 -11.27 -12.44 -20.59
CA TYR E 47 -12.23 -12.03 -21.59
C TYR E 47 -11.60 -11.48 -22.84
N SER E 48 -12.32 -11.57 -23.95
CA SER E 48 -11.88 -10.96 -25.19
C SER E 48 -12.25 -9.48 -25.26
N LEU E 49 -11.28 -8.66 -25.61
CA LEU E 49 -11.52 -7.25 -25.87
C LEU E 49 -11.82 -6.96 -27.34
N PHE E 50 -11.18 -7.70 -28.25
CA PHE E 50 -11.28 -7.41 -29.68
C PHE E 50 -10.98 -8.68 -30.44
N SER E 51 -11.96 -9.18 -31.19
CA SER E 51 -11.87 -10.47 -31.86
C SER E 51 -11.99 -10.30 -33.37
N TYR E 52 -10.91 -10.59 -34.10
CA TYR E 52 -10.82 -10.42 -35.55
C TYR E 52 -10.48 -11.78 -36.15
N ASN E 53 -11.43 -12.33 -36.89
CA ASN E 53 -11.28 -13.65 -37.50
C ASN E 53 -11.48 -13.52 -39.00
N THR E 54 -10.83 -14.39 -39.76
CA THR E 54 -11.03 -14.42 -41.20
C THR E 54 -11.39 -15.83 -41.63
N GLN E 55 -11.78 -15.97 -42.89
CA GLN E 55 -12.23 -17.26 -43.39
C GLN E 55 -11.13 -18.31 -43.23
N GLY E 56 -11.45 -19.35 -42.46
CA GLY E 56 -10.51 -20.43 -42.22
C GLY E 56 -9.47 -20.14 -41.15
N ARG E 57 -9.59 -19.01 -40.48
CA ARG E 57 -8.56 -18.57 -39.54
C ARG E 57 -9.14 -18.00 -38.23
N ASP E 58 -9.23 -18.85 -37.22
CA ASP E 58 -9.61 -18.41 -35.87
C ASP E 58 -8.42 -17.68 -35.24
N ASN E 59 -8.72 -16.76 -34.32
CA ASN E 59 -7.67 -16.03 -33.58
C ASN E 59 -6.62 -15.42 -34.50
N GLU E 60 -7.10 -14.82 -35.60
CA GLU E 60 -6.19 -14.24 -36.57
C GLU E 60 -5.57 -12.97 -36.00
N LEU E 61 -6.38 -12.20 -35.29
CA LEU E 61 -5.92 -11.04 -34.56
C LEU E 61 -6.86 -10.92 -33.36
N LEU E 62 -6.32 -11.11 -32.16
CA LEU E 62 -7.18 -11.17 -30.97
C LEU E 62 -6.50 -10.48 -29.79
N VAL E 63 -7.20 -9.52 -29.19
CA VAL E 63 -6.70 -8.89 -27.96
C VAL E 63 -7.50 -9.48 -26.81
N TYR E 64 -6.80 -10.14 -25.89
CA TYR E 64 -7.42 -10.97 -24.88
C TYR E 64 -6.83 -10.61 -23.52
N LYS E 65 -7.70 -10.46 -22.54
CA LYS E 65 -7.28 -10.11 -21.19
C LYS E 65 -7.27 -11.35 -20.33
N GLU E 66 -6.08 -11.77 -19.92
CA GLU E 66 -5.91 -13.03 -19.19
C GLU E 66 -6.41 -12.97 -17.76
N ARG E 67 -6.11 -11.86 -17.12
CA ARG E 67 -6.38 -11.61 -15.71
C ARG E 67 -5.90 -10.19 -15.47
N VAL E 68 -6.17 -9.65 -14.29
CA VAL E 68 -5.71 -8.30 -14.00
C VAL E 68 -4.20 -8.20 -14.23
N GLY E 69 -3.80 -7.16 -14.95
CA GLY E 69 -2.39 -6.86 -15.16
C GLY E 69 -1.74 -7.67 -16.27
N GLU E 70 -2.50 -8.46 -17.03
CA GLU E 70 -1.90 -9.27 -18.11
C GLU E 70 -2.70 -9.18 -19.41
N TYR E 71 -2.03 -8.69 -20.45
CA TYR E 71 -2.65 -8.45 -21.75
C TYR E 71 -2.00 -9.34 -22.80
N SER E 72 -2.82 -9.99 -23.61
CA SER E 72 -2.33 -10.87 -24.67
C SER E 72 -2.77 -10.41 -26.04
N LEU E 73 -1.88 -10.59 -27.01
CA LEU E 73 -2.20 -10.43 -28.41
C LEU E 73 -1.98 -11.76 -29.11
N TYR E 74 -2.98 -12.20 -29.86
CA TYR E 74 -2.83 -13.35 -30.75
C TYR E 74 -2.71 -12.84 -32.19
N ILE E 75 -1.74 -13.37 -32.91
CA ILE E 75 -1.63 -13.16 -34.35
C ILE E 75 -1.55 -14.52 -35.00
N GLY E 76 -2.45 -14.84 -35.92
CA GLY E 76 -2.39 -16.11 -36.61
C GLY E 76 -2.28 -17.30 -35.66
N ARG E 77 -3.13 -17.30 -34.63
CA ARG E 77 -3.18 -18.39 -33.64
C ARG E 77 -2.10 -18.33 -32.54
N HIS E 78 -0.99 -17.66 -32.82
CA HIS E 78 0.08 -17.61 -31.84
C HIS E 78 -0.16 -16.43 -30.94
N LYS E 79 0.44 -16.43 -29.75
CA LYS E 79 0.20 -15.34 -28.81
C LYS E 79 1.44 -14.90 -28.06
N VAL E 80 1.36 -13.66 -27.61
CA VAL E 80 2.31 -13.07 -26.69
C VAL E 80 1.51 -12.42 -25.57
N THR E 81 2.14 -12.28 -24.41
CA THR E 81 1.50 -11.70 -23.23
C THR E 81 2.49 -10.78 -22.54
N SER E 82 2.03 -9.60 -22.12
CA SER E 82 2.87 -8.70 -21.34
C SER E 82 2.12 -8.19 -20.11
N LYS E 83 2.89 -7.87 -19.08
CA LYS E 83 2.34 -7.55 -17.78
C LYS E 83 2.43 -6.06 -17.47
N VAL E 84 1.55 -5.60 -16.61
CA VAL E 84 1.55 -4.21 -16.20
C VAL E 84 0.95 -4.10 -14.80
N ILE E 85 1.42 -3.11 -14.04
CA ILE E 85 0.77 -2.73 -12.80
C ILE E 85 -0.43 -1.86 -13.15
N GLU E 86 -1.62 -2.30 -12.76
CA GLU E 86 -2.80 -1.48 -13.03
C GLU E 86 -3.74 -1.58 -11.85
N LYS E 87 -4.58 -0.57 -11.69
CA LYS E 87 -5.61 -0.59 -10.66
C LYS E 87 -6.78 -1.41 -11.15
N PHE E 88 -7.48 -2.02 -10.21
CA PHE E 88 -8.66 -2.80 -10.55
C PHE E 88 -9.76 -2.63 -9.51
N PRO E 89 -10.98 -2.31 -9.96
CA PRO E 89 -11.33 -1.95 -11.34
C PRO E 89 -10.95 -0.53 -11.66
N ALA E 90 -10.67 -0.26 -12.93
CA ALA E 90 -10.36 1.08 -13.36
C ALA E 90 -10.50 1.19 -14.86
N PRO E 91 -10.94 2.35 -15.34
CA PRO E 91 -10.89 2.57 -16.78
C PRO E 91 -9.47 2.45 -17.29
N VAL E 92 -9.32 1.96 -18.52
CA VAL E 92 -7.99 1.79 -19.09
C VAL E 92 -8.03 2.21 -20.56
N HIS E 93 -6.91 2.77 -21.02
CA HIS E 93 -6.69 2.98 -22.44
C HIS E 93 -5.65 1.97 -22.91
N ILE E 94 -5.97 1.26 -24.00
CA ILE E 94 -5.13 0.18 -24.49
C ILE E 94 -4.81 0.43 -25.95
N CYS E 95 -3.53 0.42 -26.31
CA CYS E 95 -3.12 0.33 -27.71
C CYS E 95 -2.23 -0.89 -27.87
N VAL E 96 -2.33 -1.53 -29.02
CA VAL E 96 -1.35 -2.55 -29.38
C VAL E 96 -1.05 -2.44 -30.86
N SER E 97 0.24 -2.48 -31.19
CA SER E 97 0.67 -2.51 -32.58
C SER E 97 1.42 -3.80 -32.85
N TRP E 98 1.45 -4.19 -34.12
CA TRP E 98 2.21 -5.33 -34.55
C TRP E 98 2.75 -5.10 -35.96
N GLU E 99 3.99 -5.54 -36.18
CA GLU E 99 4.74 -5.25 -37.39
C GLU E 99 5.28 -6.57 -37.92
N SER E 100 4.77 -7.00 -39.08
CA SER E 100 5.16 -8.30 -39.63
C SER E 100 6.65 -8.45 -39.85
N SER E 101 7.31 -7.40 -40.32
CA SER E 101 8.71 -7.54 -40.71
C SER E 101 9.60 -7.99 -39.56
N SER E 102 9.26 -7.55 -38.34
CA SER E 102 10.05 -7.88 -37.14
C SER E 102 9.33 -8.88 -36.23
N GLY E 103 8.01 -8.97 -36.38
CA GLY E 103 7.16 -9.75 -35.49
C GLY E 103 6.85 -9.03 -34.18
N ILE E 104 7.31 -7.79 -34.03
CA ILE E 104 7.22 -7.11 -32.72
C ILE E 104 5.82 -6.61 -32.43
N ALA E 105 5.31 -6.98 -31.25
CA ALA E 105 4.07 -6.48 -30.72
C ALA E 105 4.35 -5.49 -29.58
N GLU E 106 3.76 -4.31 -29.66
CA GLU E 106 3.92 -3.24 -28.65
CA GLU E 106 3.94 -3.27 -28.66
C GLU E 106 2.59 -2.93 -28.00
N PHE E 107 2.44 -3.25 -26.71
CA PHE E 107 1.26 -2.84 -25.93
C PHE E 107 1.57 -1.53 -25.23
N TRP E 108 0.58 -0.65 -25.14
CA TRP E 108 0.66 0.58 -24.38
C TRP E 108 -0.59 0.67 -23.54
N ILE E 109 -0.41 0.85 -22.24
CA ILE E 109 -1.51 0.90 -21.30
C ILE E 109 -1.50 2.28 -20.63
N ASN E 110 -2.55 3.05 -20.84
CA ASN E 110 -2.61 4.42 -20.34
C ASN E 110 -1.39 5.23 -20.72
N GLY E 111 -0.97 5.09 -21.97
CA GLY E 111 0.16 5.84 -22.48
C GLY E 111 1.53 5.36 -22.03
N THR E 112 1.59 4.22 -21.36
CA THR E 112 2.87 3.68 -20.94
CA THR E 112 2.83 3.63 -20.85
C THR E 112 3.16 2.35 -21.63
N PRO E 113 4.38 2.24 -22.17
CA PRO E 113 4.72 1.04 -22.95
C PRO E 113 5.00 -0.18 -22.07
N LEU E 114 4.44 -1.32 -22.47
CA LEU E 114 4.78 -2.60 -21.86
C LEU E 114 6.03 -3.15 -22.53
N VAL E 115 6.59 -4.21 -21.96
CA VAL E 115 7.73 -4.87 -22.59
C VAL E 115 7.32 -5.40 -23.97
N LYS E 116 8.13 -5.14 -25.00
CA LYS E 116 7.86 -5.69 -26.32
C LYS E 116 8.04 -7.21 -26.33
N LYS E 117 7.21 -7.87 -27.14
CA LYS E 117 7.31 -9.30 -27.41
C LYS E 117 7.23 -9.49 -28.91
N GLY E 118 7.46 -10.70 -29.40
CA GLY E 118 7.48 -10.94 -30.83
C GLY E 118 6.89 -12.26 -31.23
N LEU E 119 6.18 -12.24 -32.35
CA LEU E 119 5.53 -13.43 -32.86
C LEU E 119 5.23 -13.25 -34.35
N ARG E 120 5.19 -14.37 -35.06
CA ARG E 120 4.69 -14.39 -36.43
C ARG E 120 5.43 -13.45 -37.40
N GLN E 121 6.74 -13.32 -37.23
CA GLN E 121 7.54 -12.54 -38.17
C GLN E 121 7.30 -13.05 -39.61
N GLY E 122 6.96 -12.13 -40.51
CA GLY E 122 6.76 -12.47 -41.92
C GLY E 122 5.33 -12.87 -42.27
N TYR E 123 4.49 -13.03 -41.25
CA TYR E 123 3.09 -13.41 -41.45
C TYR E 123 2.30 -12.23 -42.00
N PHE E 124 1.26 -12.53 -42.76
CA PHE E 124 0.31 -11.52 -43.23
C PHE E 124 -1.05 -11.83 -42.59
N VAL E 125 -1.58 -10.87 -41.83
CA VAL E 125 -2.92 -11.01 -41.29
C VAL E 125 -3.91 -10.86 -42.43
N GLU E 126 -4.83 -11.81 -42.56
CA GLU E 126 -5.74 -11.80 -43.71
C GLU E 126 -6.80 -10.70 -43.62
N ALA E 127 -7.43 -10.42 -44.77
CA ALA E 127 -8.44 -9.39 -44.90
C ALA E 127 -9.83 -10.02 -44.96
N GLN E 128 -10.83 -9.19 -45.29
CA GLN E 128 -12.23 -9.58 -45.21
C GLN E 128 -12.53 -10.23 -43.87
N PRO E 129 -12.18 -9.53 -42.79
CA PRO E 129 -12.42 -10.08 -41.46
C PRO E 129 -13.86 -9.96 -40.98
N LYS E 130 -14.21 -10.79 -40.01
CA LYS E 130 -15.35 -10.51 -39.15
C LYS E 130 -14.76 -10.05 -37.83
N ILE E 131 -15.20 -8.89 -37.37
CA ILE E 131 -14.64 -8.25 -36.19
C ILE E 131 -15.75 -8.08 -35.17
N VAL E 132 -15.51 -8.60 -33.96
CA VAL E 132 -16.55 -8.64 -32.94
C VAL E 132 -16.06 -8.04 -31.63
N LEU E 133 -16.89 -7.19 -31.05
CA LEU E 133 -16.73 -6.73 -29.67
C LEU E 133 -17.77 -7.42 -28.82
N GLY E 134 -17.41 -7.75 -27.58
CA GLY E 134 -18.37 -8.31 -26.64
C GLY E 134 -18.28 -9.81 -26.51
N GLN E 135 -17.76 -10.47 -27.55
CA GLN E 135 -17.60 -11.93 -27.53
C GLN E 135 -16.33 -12.30 -28.28
N GLU E 136 -15.85 -13.50 -28.02
CA GLU E 136 -14.68 -14.05 -28.69
C GLU E 136 -15.21 -15.04 -29.74
N GLN E 137 -14.84 -14.85 -30.99
CA GLN E 137 -15.26 -15.76 -32.06
C GLN E 137 -14.43 -17.03 -32.08
N ASP E 138 -15.06 -18.18 -32.26
CA ASP E 138 -14.35 -19.42 -32.61
C ASP E 138 -14.64 -19.87 -34.04
N SER E 139 -15.47 -19.11 -34.76
CA SER E 139 -15.70 -19.33 -36.18
C SER E 139 -15.66 -18.02 -36.93
N TYR E 140 -15.95 -18.04 -38.22
CA TYR E 140 -15.97 -16.82 -39.00
C TYR E 140 -17.28 -16.09 -38.73
N GLY E 141 -17.29 -15.32 -37.64
CA GLY E 141 -18.47 -14.55 -37.27
C GLY E 141 -19.22 -15.05 -36.04
N GLY E 142 -18.84 -16.18 -35.47
CA GLY E 142 -19.62 -16.77 -34.40
C GLY E 142 -18.92 -17.74 -33.47
N LYS E 143 -19.69 -18.71 -32.96
CA LYS E 143 -19.23 -19.71 -32.01
C LYS E 143 -18.59 -19.03 -30.79
N PHE E 144 -19.45 -18.28 -30.09
CA PHE E 144 -19.06 -17.51 -28.92
C PHE E 144 -19.00 -18.38 -27.66
N ASP E 145 -18.42 -17.82 -26.61
CA ASP E 145 -18.21 -18.55 -25.36
C ASP E 145 -18.50 -17.59 -24.22
N ARG E 146 -19.54 -17.88 -23.44
CA ARG E 146 -19.99 -16.97 -22.40
C ARG E 146 -18.86 -16.64 -21.40
N SER E 147 -17.96 -17.60 -21.19
CA SER E 147 -16.87 -17.44 -20.24
CA SER E 147 -16.89 -17.43 -20.22
C SER E 147 -15.77 -16.52 -20.75
N GLN E 148 -15.88 -16.10 -22.00
CA GLN E 148 -14.93 -15.17 -22.61
C GLN E 148 -15.60 -13.84 -22.98
N SER E 149 -16.87 -13.69 -22.63
CA SER E 149 -17.63 -12.51 -23.02
C SER E 149 -17.12 -11.29 -22.26
N PHE E 150 -17.19 -10.14 -22.92
CA PHE E 150 -16.84 -8.88 -22.29
C PHE E 150 -18.09 -8.23 -21.69
N VAL E 151 -18.00 -7.89 -20.41
CA VAL E 151 -19.07 -7.18 -19.72
C VAL E 151 -18.48 -5.86 -19.26
N GLY E 152 -19.10 -4.75 -19.63
CA GLY E 152 -18.56 -3.44 -19.32
C GLY E 152 -18.71 -2.51 -20.50
N GLU E 153 -17.81 -1.54 -20.58
CA GLU E 153 -17.94 -0.44 -21.54
C GLU E 153 -16.70 -0.31 -22.41
N ILE E 154 -16.91 -0.06 -23.70
CA ILE E 154 -15.82 0.17 -24.65
C ILE E 154 -16.09 1.41 -25.49
N GLY E 155 -15.06 2.22 -25.66
CA GLY E 155 -15.18 3.41 -26.47
C GLY E 155 -13.88 3.79 -27.13
N ASP E 156 -13.93 4.86 -27.91
CA ASP E 156 -12.76 5.46 -28.52
C ASP E 156 -11.88 4.44 -29.24
N LEU E 157 -12.51 3.59 -30.05
CA LEU E 157 -11.80 2.54 -30.76
C LEU E 157 -11.37 2.97 -32.16
N TYR E 158 -10.08 2.79 -32.43
CA TYR E 158 -9.46 3.15 -33.71
C TYR E 158 -8.51 2.05 -34.15
N MET E 159 -8.47 1.76 -35.45
CA MET E 159 -7.50 0.82 -35.98
C MET E 159 -6.87 1.39 -37.26
N TRP E 160 -5.54 1.36 -37.28
CA TRP E 160 -4.72 1.87 -38.39
C TRP E 160 -3.97 0.73 -39.06
N ASP E 161 -3.65 0.88 -40.35
CA ASP E 161 -2.86 -0.15 -41.03
C ASP E 161 -1.36 0.15 -40.97
N SER E 162 -0.93 0.84 -39.92
CA SER E 162 0.47 1.16 -39.71
C SER E 162 0.80 1.05 -38.22
N VAL E 163 2.09 1.05 -37.92
CA VAL E 163 2.58 1.00 -36.55
C VAL E 163 2.75 2.43 -36.06
N LEU E 164 1.93 2.84 -35.10
CA LEU E 164 2.00 4.19 -34.58
C LEU E 164 3.26 4.42 -33.78
N PRO E 165 3.92 5.55 -34.01
CA PRO E 165 5.01 5.94 -33.13
C PRO E 165 4.48 6.43 -31.79
N PRO E 166 5.34 6.51 -30.77
CA PRO E 166 4.88 6.85 -29.42
C PRO E 166 4.04 8.11 -29.35
N GLU E 167 4.43 9.17 -30.07
CA GLU E 167 3.69 10.41 -29.99
C GLU E 167 2.24 10.24 -30.44
N ASN E 168 2.00 9.36 -31.42
CA ASN E 168 0.65 9.15 -31.93
C ASN E 168 -0.16 8.23 -31.01
N ILE E 169 0.52 7.35 -30.30
CA ILE E 169 -0.14 6.57 -29.24
C ILE E 169 -0.63 7.54 -28.17
N LEU E 170 0.24 8.43 -27.73
CA LEU E 170 -0.12 9.39 -26.71
C LEU E 170 -1.24 10.31 -27.19
N SER E 171 -1.24 10.70 -28.47
CA SER E 171 -2.34 11.50 -29.02
C SER E 171 -3.66 10.79 -28.79
N ALA E 172 -3.69 9.50 -29.12
CA ALA E 172 -4.90 8.72 -28.94
C ALA E 172 -5.29 8.65 -27.46
N TYR E 173 -4.33 8.35 -26.60
CA TYR E 173 -4.58 8.30 -25.16
C TYR E 173 -5.19 9.62 -24.67
N GLN E 174 -4.68 10.74 -25.18
CA GLN E 174 -5.11 12.06 -24.73
C GLN E 174 -6.43 12.52 -25.37
N GLY E 175 -6.94 11.75 -26.33
CA GLY E 175 -8.24 12.04 -26.91
C GLY E 175 -8.19 12.76 -28.23
N THR E 176 -7.01 12.79 -28.85
CA THR E 176 -6.83 13.38 -30.17
C THR E 176 -6.14 12.42 -31.14
N PRO E 177 -6.76 11.25 -31.38
CA PRO E 177 -6.20 10.24 -32.28
C PRO E 177 -6.02 10.76 -33.70
N LEU E 178 -4.96 10.32 -34.35
CA LEU E 178 -4.76 10.61 -35.76
C LEU E 178 -5.73 9.78 -36.62
N PRO E 179 -6.07 10.29 -37.81
CA PRO E 179 -7.04 9.59 -38.64
C PRO E 179 -6.73 8.12 -38.79
N ALA E 180 -7.75 7.27 -38.65
CA ALA E 180 -7.58 5.83 -38.70
C ALA E 180 -8.31 5.23 -39.90
N ASN E 181 -7.60 4.39 -40.65
CA ASN E 181 -8.14 3.93 -41.94
C ASN E 181 -8.74 2.52 -41.97
N ILE E 182 -8.64 1.75 -40.89
CA ILE E 182 -9.30 0.45 -40.85
C ILE E 182 -10.62 0.55 -40.05
N LEU E 183 -10.54 1.07 -38.83
CA LEU E 183 -11.73 1.33 -38.01
C LEU E 183 -11.61 2.71 -37.38
N ASP E 184 -12.71 3.43 -37.31
CA ASP E 184 -12.72 4.82 -36.90
C ASP E 184 -13.95 5.11 -36.06
N TRP E 185 -13.76 5.39 -34.78
CA TRP E 185 -14.86 5.63 -33.85
C TRP E 185 -15.75 6.79 -34.29
N GLN E 186 -15.18 7.71 -35.07
CA GLN E 186 -15.92 8.90 -35.53
C GLN E 186 -16.66 8.67 -36.84
N ALA E 187 -16.45 7.51 -37.45
CA ALA E 187 -17.15 7.12 -38.66
C ALA E 187 -17.23 5.60 -38.67
N LEU E 188 -17.94 5.08 -37.68
CA LEU E 188 -18.01 3.64 -37.47
C LEU E 188 -19.22 3.00 -38.12
N ASN E 189 -18.99 1.88 -38.80
CA ASN E 189 -20.06 1.06 -39.34
C ASN E 189 -20.17 -0.18 -38.49
N TYR E 190 -21.29 -0.34 -37.80
CA TYR E 190 -21.44 -1.44 -36.85
C TYR E 190 -22.84 -2.03 -36.84
N GLU E 191 -22.96 -3.21 -36.25
CA GLU E 191 -24.24 -3.86 -36.04
C GLU E 191 -24.33 -4.33 -34.60
N ILE E 192 -25.34 -3.86 -33.88
CA ILE E 192 -25.62 -4.35 -32.53
C ILE E 192 -26.46 -5.61 -32.64
N ARG E 193 -26.03 -6.65 -31.93
CA ARG E 193 -26.78 -7.88 -31.83
C ARG E 193 -27.00 -8.23 -30.36
N GLY E 194 -28.25 -8.36 -29.95
CA GLY E 194 -28.52 -8.67 -28.56
C GLY E 194 -28.50 -7.41 -27.72
N TYR E 195 -28.16 -7.59 -26.44
CA TYR E 195 -28.26 -6.53 -25.45
C TYR E 195 -26.95 -5.73 -25.39
N VAL E 196 -26.87 -4.69 -26.21
CA VAL E 196 -25.79 -3.71 -26.17
C VAL E 196 -26.45 -2.34 -26.24
N ILE E 197 -26.04 -1.45 -25.34
CA ILE E 197 -26.63 -0.13 -25.25
C ILE E 197 -25.56 0.95 -25.50
N ILE E 198 -25.88 1.96 -26.31
CA ILE E 198 -24.96 3.06 -26.47
C ILE E 198 -25.30 4.15 -25.45
N LYS E 199 -24.29 4.55 -24.68
CA LYS E 199 -24.45 5.57 -23.65
C LYS E 199 -23.34 6.61 -23.75
N PRO E 200 -23.56 7.80 -23.18
CA PRO E 200 -22.45 8.75 -23.09
C PRO E 200 -21.31 8.18 -22.26
N LEU E 201 -20.09 8.53 -22.64
CA LEU E 201 -18.90 8.22 -21.88
C LEU E 201 -18.81 9.15 -20.67
N VAL E 202 -18.93 8.61 -19.47
CA VAL E 202 -18.92 9.43 -18.26
C VAL E 202 -17.67 9.26 -17.40
N TRP E 203 -16.78 8.34 -17.77
CA TRP E 203 -15.66 7.94 -16.91
C TRP E 203 -14.27 8.40 -17.36
N VAL E 204 -14.22 9.34 -18.29
CA VAL E 204 -12.97 10.06 -18.52
C VAL E 204 -13.07 11.42 -17.86
CA CA F . 26.09 -14.08 21.05
CA CA G . 26.48 -11.58 23.93
C7 N8P H . 20.86 -14.60 22.14
O9 N8P H . 20.04 -15.01 21.31
C8 N8P H . 21.50 -15.51 23.12
N N8P H . 21.20 -13.21 22.17
CA N8P H . 22.11 -12.62 23.10
CB N8P H . 21.95 -11.14 22.93
CG N8P H . 21.46 -10.96 21.55
CD N8P H . 20.63 -12.21 21.29
C N8P H . 23.55 -13.01 22.91
O N8P H . 23.90 -13.61 21.85
OXT N8P H . 24.39 -12.73 23.81
C1 NAG I . 22.47 11.18 34.88
C2 NAG I . 23.40 12.09 35.66
C3 NAG I . 22.79 12.56 36.95
C4 NAG I . 21.42 13.15 36.75
C5 NAG I . 20.64 12.15 35.95
C6 NAG I . 19.25 12.69 35.69
C7 NAG I . 25.90 12.07 35.60
C8 NAG I . 27.22 11.42 36.01
N2 NAG I . 24.65 11.47 36.03
O3 NAG I . 23.63 13.50 37.54
O4 NAG I . 20.80 13.37 37.98
O5 NAG I . 21.27 11.85 34.75
O6 NAG I . 18.40 11.80 36.28
O7 NAG I . 25.89 13.08 34.91
CA CA J . -33.76 -11.29 3.48
CA CA K . -35.72 -9.71 0.61
C7 N8P L . -30.25 -13.46 -0.01
O9 N8P L . -29.12 -13.82 0.34
C8 N8P L . -31.40 -14.41 -0.04
N N8P L . -30.48 -12.11 -0.40
CA N8P L . -31.74 -11.55 -0.86
CB N8P L . -31.41 -10.22 -1.40
CG N8P L . -30.21 -9.78 -0.62
CD N8P L . -29.46 -11.07 -0.42
C N8P L . -32.77 -11.44 0.23
O N8P L . -32.45 -11.52 1.44
OXT N8P L . -33.96 -11.20 -0.07
C1 NAG M . -38.29 7.50 -18.15
C2 NAG M . -39.31 8.40 -18.77
C3 NAG M . -39.36 8.30 -20.29
C4 NAG M . -38.06 7.87 -20.96
C5 NAG M . -37.61 6.77 -20.07
C6 NAG M . -36.58 5.75 -20.46
C7 NAG M . -41.25 8.81 -17.20
C8 NAG M . -42.56 8.31 -16.60
N2 NAG M . -40.56 7.98 -18.17
O3 NAG M . -39.74 9.53 -20.79
O4 NAG M . -38.24 7.50 -22.30
O5 NAG M . -37.18 7.43 -18.94
O6 NAG M . -36.73 4.68 -19.55
O7 NAG M . -40.80 9.89 -16.85
CA CA N . -9.65 -8.22 33.73
CA CA O . -12.55 -5.80 34.56
C7 N8P P . -12.03 -10.06 29.55
O9 N8P P . -11.38 -10.65 28.68
C8 N8P P . -12.53 -10.76 30.76
N N8P P . -12.32 -8.67 29.44
CA N8P P . -13.08 -7.93 30.42
CB N8P P . -13.32 -6.59 29.82
CG N8P P . -12.20 -6.40 28.85
CD N8P P . -11.93 -7.80 28.34
C N8P P . -12.36 -7.80 31.74
O N8P P . -11.15 -8.12 31.83
OXT N8P P . -12.95 -7.37 32.74
C1 NAG Q . -27.06 14.71 29.71
C2 NAG Q . -27.53 15.81 30.61
C3 NAG Q . -28.96 16.19 30.34
C4 NAG Q . -29.19 16.53 28.90
C5 NAG Q . -28.62 15.45 28.06
C6 NAG Q . -28.67 15.88 26.61
C7 NAG Q . -26.89 16.40 32.96
C8 NAG Q . -26.92 16.08 34.44
N2 NAG Q . -27.54 15.49 32.02
O3 NAG Q . -29.31 17.27 31.15
O4 NAG Q . -30.55 16.67 28.67
O5 NAG Q . -27.30 15.13 28.40
O6 NAG Q . -29.10 14.83 25.84
O7 NAG Q . -26.33 17.39 32.53
C1 GOL R . -23.75 14.73 33.91
O1 GOL R . -23.07 13.65 33.38
C2 GOL R . -24.22 14.42 35.30
O2 GOL R . -24.91 13.23 35.30
C3 GOL R . -23.09 14.32 36.26
O3 GOL R . -23.60 14.14 37.53
C1 GOL S . -14.73 11.50 7.85
O1 GOL S . -15.11 12.42 8.81
C2 GOL S . -13.95 10.43 8.51
O2 GOL S . -14.77 9.74 9.38
C3 GOL S . -13.34 9.49 7.52
O3 GOL S . -12.83 8.37 8.17
CA CA T . 23.68 -21.90 -16.64
CA CA U . 27.13 -20.30 -16.17
C7 N8P V . 22.81 -21.96 -11.36
O9 N8P V . 21.68 -22.02 -10.87
C8 N8P V . 23.58 -23.20 -11.67
N N8P V . 23.39 -20.68 -11.66
CA N8P V . 24.71 -20.45 -12.22
CB N8P V . 24.94 -18.98 -12.15
CG N8P V . 23.60 -18.37 -12.12
CD N8P V . 22.75 -19.40 -11.41
C N8P V . 24.88 -20.94 -13.63
O N8P V . 23.89 -21.26 -14.33
OXT N8P V . 26.02 -21.04 -14.12
C1 NAG W . 42.26 -0.58 -9.83
C2 NAG W . 43.45 0.02 -10.53
C3 NAG W . 44.56 0.36 -9.56
C4 NAG W . 44.06 1.12 -8.35
C5 NAG W . 42.83 0.48 -7.82
C6 NAG W . 42.29 1.38 -6.74
C7 NAG W . 44.27 -0.42 -12.86
C8 NAG W . 44.93 -1.36 -13.85
N2 NAG W . 44.06 -0.86 -11.49
O3 NAG W . 45.52 1.11 -10.21
O4 NAG W . 45.05 1.14 -7.37
O5 NAG W . 41.89 0.31 -8.83
O6 NAG W . 41.38 2.22 -7.31
O7 NAG W . 43.91 0.70 -13.21
C1 GOL X . 23.30 7.62 -23.70
O1 GOL X . 22.90 6.81 -22.63
C2 GOL X . 22.36 7.54 -24.87
O2 GOL X . 22.81 8.31 -25.93
C3 GOL X . 22.23 6.14 -25.36
O3 GOL X . 23.16 5.31 -24.78
C1 GOL Y . 20.82 -26.99 -18.99
O1 GOL Y . 20.09 -27.69 -18.03
C2 GOL Y . 22.26 -26.96 -18.57
O2 GOL Y . 22.37 -26.42 -17.31
C3 GOL Y . 23.04 -26.16 -19.55
O3 GOL Y . 24.37 -26.13 -19.13
CA CA Z . -13.30 -19.09 -27.85
CA CA AA . -11.27 -18.04 -30.98
C7 N8P BA . -8.89 -20.38 -25.23
O9 N8P BA . -8.85 -20.38 -23.99
C8 N8P BA . -9.26 -21.59 -26.00
N N8P BA . -8.59 -19.18 -25.92
CA N8P BA . -8.57 -18.96 -27.36
CB N8P BA . -8.01 -17.60 -27.56
CG N8P BA . -8.30 -16.88 -26.31
CD N8P BA . -8.22 -17.93 -25.26
C N8P BA . -9.93 -19.08 -27.99
O N8P BA . -10.97 -19.17 -27.31
OXT N8P BA . -10.01 -19.07 -29.25
C1 NAG CA . 5.15 -1.57 -41.92
C2 NAG CA . 5.30 -1.03 -43.31
C3 NAG CA . 6.73 -0.63 -43.54
C4 NAG CA . 7.20 0.35 -42.49
C5 NAG CA . 6.95 -0.25 -41.14
C6 NAG CA . 7.30 0.72 -40.03
C7 NAG CA . 3.80 -1.84 -45.21
C8 NAG CA . 3.47 -2.96 -46.19
N2 NAG CA . 4.91 -2.04 -44.28
O3 NAG CA . 6.87 -0.07 -44.80
O4 NAG CA . 8.55 0.67 -42.61
O5 NAG CA . 5.61 -0.60 -41.03
O6 NAG CA . 7.00 0.12 -38.83
O7 NAG CA . 3.15 -0.81 -45.22
C1 GOL DA . -0.10 -2.33 -44.23
O1 GOL DA . -0.53 -3.06 -43.12
C2 GOL DA . -0.47 -3.08 -45.46
O2 GOL DA . -0.07 -4.40 -45.37
C3 GOL DA . -1.94 -3.02 -45.68
O3 GOL DA . -2.23 -3.50 -46.96
#